data_6AQ3
#
_entry.id   6AQ3
#
_cell.length_a   53.640
_cell.length_b   78.670
_cell.length_c   80.570
_cell.angle_alpha   114.550
_cell.angle_beta   87.670
_cell.angle_gamma   95.020
#
_symmetry.space_group_name_H-M   'P 1'
#
loop_
_entity.id
_entity.type
_entity.pdbx_description
1 polymer 'trafficking protein particle complex subunit 3'
2 non-polymer 'PALMITIC ACID'
3 non-polymer 1,2-ETHANEDIOL
4 water water
#
_entity_poly.entity_id   1
_entity_poly.type   'polypeptide(L)'
_entity_poly.pdbx_seq_one_letter_code
;MAHHHHHHMSKLAKIGETTFNKIEKINSELLAMTYGSLVTQMLKDYEDVAAINTQLEKMGYKMGMRLIDEFMSKSGLSSG
ACREFKDTAESIAKVAFKMFLGINANVTNWSKDQTEYSIVFDENPLNDFVELPEPIKQKRLYYSNIICGVIRGALEMVLM
RVECEYKKCPLLGDDQSEIRVRLKEYLRETVPSED
;
_entity_poly.pdbx_strand_id   A,B,C,D,E,F
#
loop_
_chem_comp.id
_chem_comp.type
_chem_comp.name
_chem_comp.formula
EDO non-polymer 1,2-ETHANEDIOL 'C2 H6 O2'
PLM non-polymer 'PALMITIC ACID' 'C16 H32 O2'
#
# COMPACT_ATOMS: atom_id res chain seq x y z
N GLU A 24 -1.63 3.66 -9.73
CA GLU A 24 -2.62 2.63 -10.00
C GLU A 24 -3.11 2.72 -11.45
N LYS A 25 -3.53 1.59 -11.99
CA LYS A 25 -3.89 1.52 -13.41
C LYS A 25 -5.00 2.51 -13.76
N ILE A 26 -6.05 2.57 -12.93
CA ILE A 26 -7.21 3.38 -13.26
C ILE A 26 -6.89 4.87 -13.15
N ASN A 27 -6.04 5.25 -12.19
CA ASN A 27 -5.64 6.64 -12.10
C ASN A 27 -4.69 6.98 -13.24
N SER A 28 -3.85 6.02 -13.63
CA SER A 28 -2.98 6.19 -14.79
C SER A 28 -3.78 6.28 -16.09
N GLU A 29 -4.86 5.50 -16.20
CA GLU A 29 -5.73 5.65 -17.37
C GLU A 29 -6.42 7.02 -17.36
N LEU A 30 -6.86 7.46 -16.19
CA LEU A 30 -7.53 8.75 -16.08
C LEU A 30 -6.58 9.89 -16.46
N LEU A 31 -5.34 9.84 -15.99
CA LEU A 31 -4.38 10.86 -16.38
C LEU A 31 -4.12 10.81 -17.88
N ALA A 32 -3.96 9.60 -18.43
CA ALA A 32 -3.72 9.47 -19.87
C ALA A 32 -4.86 10.05 -20.68
N MET A 33 -6.10 9.82 -20.27
CA MET A 33 -7.22 10.34 -21.01
C MET A 33 -7.35 11.85 -20.84
N THR A 34 -7.02 12.38 -19.66
CA THR A 34 -7.07 13.84 -19.50
C THR A 34 -6.05 14.52 -20.40
N TYR A 35 -4.79 14.07 -20.34
CA TYR A 35 -3.75 14.61 -21.20
C TYR A 35 -4.12 14.42 -22.67
N GLY A 36 -4.71 13.27 -23.02
CA GLY A 36 -5.17 13.07 -24.39
C GLY A 36 -6.21 14.11 -24.81
N SER A 37 -7.08 14.53 -23.88
CA SER A 37 -8.02 15.60 -24.19
C SER A 37 -7.28 16.92 -24.46
N LEU A 38 -6.21 17.18 -23.71
CA LEU A 38 -5.42 18.40 -23.91
C LEU A 38 -4.81 18.42 -25.31
N VAL A 39 -4.14 17.34 -25.68
CA VAL A 39 -3.50 17.27 -27.00
C VAL A 39 -4.55 17.40 -28.10
N THR A 40 -5.71 16.75 -27.94
CA THR A 40 -6.79 16.92 -28.92
C THR A 40 -7.19 18.38 -29.03
N GLN A 41 -7.31 19.07 -27.90
CA GLN A 41 -7.66 20.48 -27.92
C GLN A 41 -6.60 21.31 -28.64
N MET A 42 -5.32 20.99 -28.42
CA MET A 42 -4.24 21.73 -29.07
C MET A 42 -4.24 21.50 -30.57
N LEU A 43 -4.63 20.30 -31.02
CA LEU A 43 -4.68 20.02 -32.45
C LEU A 43 -5.80 20.81 -33.14
N LYS A 44 -6.89 21.13 -32.42
CA LYS A 44 -7.92 22.01 -32.96
C LYS A 44 -7.50 23.47 -32.94
N ASP A 45 -6.85 23.91 -31.86
CA ASP A 45 -6.56 25.33 -31.65
C ASP A 45 -5.32 25.80 -32.40
N TYR A 46 -4.43 24.90 -32.79
CA TYR A 46 -3.22 25.29 -33.50
C TYR A 46 -3.12 24.52 -34.81
N GLU A 47 -2.66 25.20 -35.86
CA GLU A 47 -2.41 24.55 -37.13
C GLU A 47 -0.96 24.13 -37.30
N ASP A 48 -0.06 24.63 -36.43
CA ASP A 48 1.37 24.43 -36.56
C ASP A 48 1.88 23.50 -35.46
N VAL A 49 2.31 22.30 -35.87
CA VAL A 49 2.78 21.29 -34.93
C VAL A 49 3.97 21.79 -34.11
N ALA A 50 4.86 22.56 -34.73
CA ALA A 50 5.96 23.13 -33.95
C ALA A 50 5.42 23.99 -32.83
N ALA A 51 4.37 24.76 -33.11
CA ALA A 51 3.73 25.59 -32.09
C ALA A 51 3.15 24.73 -30.96
N ILE A 52 2.56 23.60 -31.32
CA ILE A 52 1.99 22.70 -30.30
C ILE A 52 3.10 22.15 -29.41
N ASN A 53 4.15 21.62 -30.03
CA ASN A 53 5.32 21.15 -29.28
C ASN A 53 5.80 22.20 -28.29
N THR A 54 5.93 23.44 -28.75
CA THR A 54 6.42 24.51 -27.88
C THR A 54 5.49 24.74 -26.70
N GLN A 55 4.17 24.79 -26.93
CA GLN A 55 3.23 25.08 -25.84
C GLN A 55 3.06 23.91 -24.88
N LEU A 56 3.10 22.67 -25.38
CA LEU A 56 3.06 21.52 -24.47
C LEU A 56 4.26 21.54 -23.55
N GLU A 57 5.43 21.91 -24.09
CA GLU A 57 6.62 22.03 -23.24
C GLU A 57 6.48 23.16 -22.24
N LYS A 58 5.96 24.32 -22.66
CA LYS A 58 5.80 25.42 -21.72
C LYS A 58 4.77 25.08 -20.64
N MET A 59 3.75 24.32 -20.99
CA MET A 59 2.80 23.85 -19.97
C MET A 59 3.48 22.94 -18.95
N GLY A 60 4.33 22.02 -19.40
CA GLY A 60 5.02 21.16 -18.44
C GLY A 60 5.96 21.95 -17.55
N TYR A 61 6.63 22.94 -18.12
CA TYR A 61 7.56 23.78 -17.37
C TYR A 61 6.91 24.36 -16.12
N LYS A 62 5.71 24.94 -16.26
CA LYS A 62 5.02 25.45 -15.08
C LYS A 62 4.72 24.33 -14.09
N MET A 63 4.35 23.13 -14.59
CA MET A 63 4.00 22.04 -13.69
C MET A 63 5.22 21.56 -12.90
N GLY A 64 6.37 21.45 -13.58
CA GLY A 64 7.55 20.91 -12.95
C GLY A 64 8.06 21.79 -11.83
N MET A 65 7.92 23.12 -11.98
CA MET A 65 8.28 24.01 -10.90
C MET A 65 7.44 23.72 -9.65
N ARG A 66 6.19 23.29 -9.84
CA ARG A 66 5.32 22.94 -8.71
C ARG A 66 5.48 21.48 -8.27
N LEU A 67 5.90 20.59 -9.17
CA LEU A 67 5.92 19.17 -8.88
C LEU A 67 7.14 18.77 -8.06
N ILE A 68 8.22 19.56 -8.14
CA ILE A 68 9.51 19.18 -7.54
C ILE A 68 9.34 18.94 -6.05
N ASP A 69 8.47 19.72 -5.41
CA ASP A 69 8.25 19.59 -3.97
C ASP A 69 7.63 18.24 -3.63
N GLU A 70 6.62 17.82 -4.39
CA GLU A 70 6.04 16.49 -4.19
C GLU A 70 7.06 15.40 -4.45
N PHE A 71 7.91 15.58 -5.46
CA PHE A 71 8.93 14.57 -5.74
C PHE A 71 9.91 14.44 -4.59
N MET A 72 10.41 15.57 -4.09
CA MET A 72 11.43 15.53 -3.04
C MET A 72 10.92 14.86 -1.78
N SER A 73 9.69 15.17 -1.38
CA SER A 73 9.16 14.61 -0.15
C SER A 73 8.86 13.12 -0.33
N LYS A 74 8.19 12.77 -1.42
CA LYS A 74 7.80 11.37 -1.59
C LYS A 74 8.94 10.47 -2.02
N SER A 75 10.07 11.02 -2.50
CA SER A 75 11.21 10.20 -2.89
C SER A 75 12.21 9.97 -1.77
N GLY A 76 12.20 10.82 -0.75
CA GLY A 76 13.21 10.76 0.27
C GLY A 76 14.58 11.29 -0.14
N LEU A 77 14.67 11.99 -1.27
CA LEU A 77 15.95 12.52 -1.69
C LEU A 77 16.29 13.82 -0.98
N SER A 78 17.59 14.03 -0.75
CA SER A 78 18.11 15.23 -0.11
C SER A 78 18.44 16.29 -1.16
N SER A 79 18.86 17.47 -0.70
CA SER A 79 19.32 18.50 -1.64
C SER A 79 20.60 18.08 -2.35
N GLY A 80 21.48 17.34 -1.66
CA GLY A 80 22.73 16.95 -2.32
C GLY A 80 22.58 15.85 -3.33
N ALA A 81 21.41 15.22 -3.38
CA ALA A 81 21.07 14.28 -4.45
C ALA A 81 20.92 15.03 -5.76
N CYS A 82 20.91 16.36 -5.67
CA CYS A 82 20.72 17.28 -6.78
C CYS A 82 21.84 18.31 -6.81
N ARG A 83 23.05 17.92 -6.41
CA ARG A 83 24.15 18.89 -6.42
C ARG A 83 24.77 18.98 -7.80
N GLU A 84 24.87 17.86 -8.49
CA GLU A 84 25.50 17.79 -9.80
C GLU A 84 24.48 17.39 -10.85
N PHE A 85 24.68 17.94 -12.05
CA PHE A 85 23.82 17.61 -13.17
C PHE A 85 23.85 16.12 -13.45
N LYS A 86 25.05 15.52 -13.37
CA LYS A 86 25.20 14.08 -13.62
C LYS A 86 24.24 13.26 -12.77
N ASP A 87 23.94 13.71 -11.55
CA ASP A 87 23.08 12.96 -10.64
C ASP A 87 21.62 12.96 -11.06
N THR A 88 21.19 13.94 -11.86
CA THR A 88 19.78 14.02 -12.21
C THR A 88 19.33 12.86 -13.08
N ALA A 89 20.25 12.20 -13.79
CA ALA A 89 19.84 11.14 -14.71
C ALA A 89 19.16 10.00 -13.96
N GLU A 90 19.83 9.48 -12.92
CA GLU A 90 19.27 8.36 -12.18
C GLU A 90 17.99 8.76 -11.44
N SER A 91 17.98 9.96 -10.84
CA SER A 91 16.80 10.39 -10.09
C SER A 91 15.57 10.46 -10.99
N ILE A 92 15.73 10.97 -12.21
CA ILE A 92 14.61 11.12 -13.14
C ILE A 92 14.23 9.76 -13.71
N ALA A 93 15.21 9.02 -14.25
CA ALA A 93 14.95 7.78 -14.97
C ALA A 93 14.48 6.66 -14.04
N LYS A 94 15.06 6.55 -12.83
CA LYS A 94 14.80 5.43 -11.96
C LYS A 94 13.78 5.72 -10.85
N VAL A 95 13.58 6.98 -10.48
CA VAL A 95 12.63 7.34 -9.41
C VAL A 95 11.46 8.14 -9.96
N ALA A 96 11.72 9.30 -10.56
CA ALA A 96 10.65 10.19 -11.00
C ALA A 96 9.73 9.51 -12.02
N PHE A 97 10.31 8.84 -13.02
CA PHE A 97 9.50 8.19 -14.04
C PHE A 97 8.61 7.09 -13.48
N LYS A 98 9.11 6.33 -12.49
CA LYS A 98 8.28 5.29 -11.90
C LYS A 98 7.17 5.91 -11.07
N MET A 99 7.50 6.94 -10.30
CA MET A 99 6.56 7.55 -9.37
C MET A 99 5.39 8.22 -10.08
N PHE A 100 5.65 8.92 -11.16
CA PHE A 100 4.62 9.72 -11.80
C PHE A 100 3.96 9.03 -12.98
N LEU A 101 4.69 8.17 -13.69
CA LEU A 101 4.17 7.50 -14.88
C LEU A 101 4.19 5.99 -14.80
N GLY A 102 4.75 5.40 -13.75
CA GLY A 102 4.88 3.96 -13.69
C GLY A 102 5.82 3.35 -14.72
N ILE A 103 6.70 4.15 -15.27
CA ILE A 103 7.61 3.75 -16.34
C ILE A 103 8.96 3.42 -15.72
N ASN A 104 9.63 2.40 -16.25
CA ASN A 104 11.04 2.15 -15.98
C ASN A 104 11.86 2.75 -17.12
N ALA A 105 12.79 3.62 -16.79
CA ALA A 105 13.62 4.23 -17.82
C ALA A 105 15.09 3.92 -17.54
N ASN A 106 15.90 4.10 -18.58
CA ASN A 106 17.33 3.89 -18.48
C ASN A 106 18.06 5.14 -18.97
N VAL A 107 19.30 5.29 -18.53
CA VAL A 107 20.16 6.38 -18.95
C VAL A 107 21.21 5.85 -19.92
N THR A 108 21.40 6.54 -21.03
CA THR A 108 22.37 6.17 -22.05
C THR A 108 22.90 7.43 -22.73
N ASN A 109 23.83 7.23 -23.67
CA ASN A 109 24.36 8.26 -24.56
C ASN A 109 24.89 9.48 -23.81
N TRP A 110 25.69 9.22 -22.78
CA TRP A 110 26.35 10.31 -22.07
C TRP A 110 27.30 11.06 -22.98
N SER A 111 27.37 12.37 -22.80
CA SER A 111 28.41 13.12 -23.48
C SER A 111 29.70 13.01 -22.67
N LYS A 112 30.84 13.24 -23.34
CA LYS A 112 32.12 13.11 -22.67
C LYS A 112 32.20 14.03 -21.46
N ASP A 113 31.74 15.28 -21.60
CA ASP A 113 31.79 16.23 -20.50
C ASP A 113 30.63 16.07 -19.52
N GLN A 114 29.79 15.04 -19.72
CA GLN A 114 28.66 14.75 -18.82
C GLN A 114 27.70 15.92 -18.69
N THR A 115 27.59 16.78 -19.71
CA THR A 115 26.58 17.83 -19.70
C THR A 115 25.35 17.43 -20.48
N GLU A 116 25.34 16.23 -21.06
CA GLU A 116 24.20 15.72 -21.81
C GLU A 116 24.04 14.23 -21.54
N TYR A 117 22.78 13.82 -21.43
CA TYR A 117 22.45 12.41 -21.37
C TYR A 117 21.09 12.20 -21.99
N SER A 118 20.78 10.94 -22.30
CA SER A 118 19.48 10.56 -22.82
C SER A 118 18.78 9.63 -21.84
N ILE A 119 17.45 9.74 -21.81
CA ILE A 119 16.57 8.89 -21.03
C ILE A 119 15.76 8.08 -22.05
N VAL A 120 15.95 6.76 -22.06
CA VAL A 120 15.28 5.89 -23.02
C VAL A 120 14.32 4.97 -22.28
N PHE A 121 13.16 4.70 -22.88
CA PHE A 121 12.14 3.83 -22.31
C PHE A 121 11.25 3.27 -23.41
N ASP A 122 10.82 2.01 -23.27
CA ASP A 122 10.04 1.33 -24.30
C ASP A 122 8.53 1.39 -24.07
N GLU A 123 8.06 1.87 -22.91
CA GLU A 123 6.64 1.96 -22.61
C GLU A 123 6.28 3.37 -22.12
N ASN A 124 5.06 3.81 -22.43
CA ASN A 124 4.58 5.13 -22.02
C ASN A 124 3.05 5.13 -21.88
N PRO A 125 2.50 5.19 -20.66
CA PRO A 125 1.04 5.10 -20.53
C PRO A 125 0.28 6.22 -21.22
N LEU A 126 0.90 7.40 -21.43
CA LEU A 126 0.23 8.47 -22.16
C LEU A 126 -0.03 8.07 -23.62
N ASN A 127 0.80 7.18 -24.16
CA ASN A 127 0.68 6.78 -25.56
C ASN A 127 -0.42 5.74 -25.80
N ASP A 128 -0.99 5.17 -24.74
CA ASP A 128 -1.97 4.08 -24.90
C ASP A 128 -3.13 4.49 -25.79
N PHE A 129 -3.42 3.65 -26.78
CA PHE A 129 -4.56 3.76 -27.69
C PHE A 129 -4.51 5.00 -28.57
N VAL A 130 -3.34 5.64 -28.66
CA VAL A 130 -3.19 6.88 -29.43
C VAL A 130 -2.65 6.54 -30.81
N GLU A 131 -3.23 7.15 -31.84
CA GLU A 131 -2.81 6.99 -33.22
C GLU A 131 -2.78 8.37 -33.87
N LEU A 132 -1.62 8.78 -34.34
CA LEU A 132 -1.53 10.10 -34.98
C LEU A 132 -1.88 10.00 -36.47
N PRO A 133 -2.66 10.94 -37.00
CA PRO A 133 -2.88 10.97 -38.45
C PRO A 133 -1.55 11.15 -39.18
N GLU A 134 -1.50 10.67 -40.42
CA GLU A 134 -0.25 10.69 -41.19
C GLU A 134 0.39 12.08 -41.28
N PRO A 135 -0.33 13.17 -41.59
CA PRO A 135 0.36 14.48 -41.66
C PRO A 135 0.97 14.91 -40.33
N ILE A 136 0.34 14.56 -39.22
CA ILE A 136 0.89 14.91 -37.91
C ILE A 136 2.16 14.11 -37.63
N LYS A 137 2.19 12.84 -38.02
CA LYS A 137 3.39 12.02 -37.89
C LYS A 137 4.54 12.58 -38.74
N GLN A 138 4.25 12.94 -39.99
CA GLN A 138 5.32 13.43 -40.86
C GLN A 138 5.89 14.75 -40.36
N LYS A 139 5.05 15.60 -39.76
CA LYS A 139 5.48 16.86 -39.16
C LYS A 139 6.08 16.68 -37.76
N ARG A 140 6.15 15.45 -37.25
CA ARG A 140 6.80 15.09 -35.97
C ARG A 140 6.23 15.86 -34.77
N LEU A 141 4.94 15.73 -34.56
CA LEU A 141 4.41 16.07 -33.26
C LEU A 141 5.06 15.16 -32.22
N TYR A 142 5.47 15.75 -31.09
CA TYR A 142 5.94 14.97 -29.95
C TYR A 142 4.80 14.95 -28.93
N TYR A 143 3.95 13.93 -29.07
CA TYR A 143 2.70 13.82 -28.32
C TYR A 143 2.89 14.08 -26.84
N SER A 144 3.97 13.56 -26.26
CA SER A 144 4.22 13.67 -24.82
C SER A 144 5.22 14.77 -24.47
N ASN A 145 5.30 15.82 -25.29
CA ASN A 145 6.34 16.83 -25.10
C ASN A 145 6.24 17.50 -23.73
N ILE A 146 5.07 17.42 -23.07
CA ILE A 146 4.91 17.99 -21.74
C ILE A 146 5.97 17.48 -20.78
N ILE A 147 6.43 16.24 -20.98
CA ILE A 147 7.44 15.66 -20.09
C ILE A 147 8.72 16.49 -20.12
N CYS A 148 9.11 16.97 -21.29
CA CYS A 148 10.31 17.78 -21.40
C CYS A 148 10.20 19.05 -20.58
N GLY A 149 9.03 19.68 -20.60
CA GLY A 149 8.84 20.88 -19.79
C GLY A 149 8.89 20.59 -18.29
N VAL A 150 8.28 19.49 -17.86
CA VAL A 150 8.32 19.13 -16.44
C VAL A 150 9.76 18.98 -15.96
N ILE A 151 10.60 18.35 -16.77
CA ILE A 151 12.00 18.17 -16.40
C ILE A 151 12.69 19.51 -16.27
N ARG A 152 12.48 20.40 -17.24
CA ARG A 152 13.13 21.71 -17.24
C ARG A 152 12.68 22.55 -16.04
N GLY A 153 11.38 22.56 -15.77
CA GLY A 153 10.86 23.34 -14.65
C GLY A 153 11.27 22.74 -13.32
N ALA A 154 11.27 21.42 -13.22
CA ALA A 154 11.69 20.82 -11.96
C ALA A 154 13.15 21.11 -11.70
N LEU A 155 14.00 20.94 -12.71
CA LEU A 155 15.44 21.12 -12.48
C LEU A 155 15.81 22.58 -12.23
N GLU A 156 15.03 23.52 -12.77
CA GLU A 156 15.29 24.92 -12.43
C GLU A 156 15.17 25.13 -10.94
N MET A 157 14.24 24.42 -10.29
CA MET A 157 14.01 24.57 -8.86
C MET A 157 15.16 24.04 -8.01
N VAL A 158 15.99 23.16 -8.55
CA VAL A 158 17.24 22.79 -7.87
C VAL A 158 18.42 23.49 -8.55
N LEU A 159 18.17 24.68 -9.13
CA LEU A 159 19.22 25.61 -9.56
C LEU A 159 20.04 25.09 -10.73
N MET A 160 19.40 24.38 -11.65
CA MET A 160 20.00 23.93 -12.89
C MET A 160 19.11 24.38 -14.03
N ARG A 161 19.67 25.17 -14.95
CA ARG A 161 18.98 25.56 -16.17
C ARG A 161 19.34 24.55 -17.26
N VAL A 162 18.35 23.81 -17.75
CA VAL A 162 18.58 22.75 -18.73
C VAL A 162 17.70 22.97 -19.95
N GLU A 163 18.13 22.36 -21.05
CA GLU A 163 17.32 22.19 -22.24
C GLU A 163 16.97 20.71 -22.35
N CYS A 164 15.74 20.42 -22.69
CA CYS A 164 15.24 19.07 -22.69
C CYS A 164 14.32 18.87 -23.91
N GLU A 165 14.67 17.97 -24.82
CA GLU A 165 13.86 17.75 -26.00
C GLU A 165 13.77 16.27 -26.37
N TYR A 166 12.63 15.94 -26.98
CA TYR A 166 12.37 14.59 -27.48
C TYR A 166 13.18 14.33 -28.75
N LYS A 167 13.70 13.13 -28.85
CA LYS A 167 14.38 12.71 -30.07
C LYS A 167 13.71 11.51 -30.73
N LYS A 168 13.14 10.59 -29.96
CA LYS A 168 12.53 9.40 -30.53
C LYS A 168 11.25 9.11 -29.80
N CYS A 169 10.21 8.72 -30.56
CA CYS A 169 8.89 8.35 -29.99
C CYS A 169 8.29 7.26 -30.87
N PRO A 170 7.87 6.15 -30.28
CA PRO A 170 7.29 5.05 -31.09
C PRO A 170 6.03 5.46 -31.84
N LEU A 171 5.29 6.45 -31.38
CA LEU A 171 4.15 6.93 -32.16
C LEU A 171 4.59 7.46 -33.52
N LEU A 172 5.86 7.81 -33.67
CA LEU A 172 6.37 8.26 -34.96
C LEU A 172 7.11 7.14 -35.69
N GLY A 173 6.96 5.90 -35.24
CA GLY A 173 7.59 4.76 -35.86
C GLY A 173 8.97 4.42 -35.32
N ASP A 174 9.42 5.10 -34.26
CA ASP A 174 10.72 4.82 -33.68
C ASP A 174 10.66 3.56 -32.82
N ASP A 175 11.82 2.96 -32.59
CA ASP A 175 11.87 1.70 -31.86
C ASP A 175 11.69 1.89 -30.35
N GLN A 176 11.91 3.09 -29.84
CA GLN A 176 11.71 3.34 -28.42
C GLN A 176 11.53 4.83 -28.25
N SER A 177 11.27 5.24 -27.01
CA SER A 177 11.26 6.66 -26.66
C SER A 177 12.63 7.10 -26.21
N GLU A 178 13.02 8.31 -26.63
CA GLU A 178 14.26 8.93 -26.14
C GLU A 178 14.07 10.42 -25.91
N ILE A 179 14.43 10.88 -24.72
CA ILE A 179 14.41 12.29 -24.34
C ILE A 179 15.84 12.74 -23.97
N ARG A 180 16.27 13.85 -24.55
CA ARG A 180 17.62 14.40 -24.35
C ARG A 180 17.58 15.52 -23.30
N VAL A 181 18.53 15.51 -22.37
CA VAL A 181 18.63 16.53 -21.31
C VAL A 181 20.02 17.17 -21.38
N ARG A 182 20.08 18.49 -21.54
CA ARG A 182 21.36 19.18 -21.67
C ARG A 182 21.48 20.31 -20.67
N LEU A 183 22.60 20.35 -19.94
CA LEU A 183 22.85 21.40 -18.97
C LEU A 183 23.33 22.69 -19.64
N LYS A 184 22.64 23.79 -19.35
CA LYS A 184 23.01 25.11 -19.87
C LYS A 184 23.82 25.93 -18.84
N GLU A 185 23.39 25.95 -17.58
CA GLU A 185 24.16 26.64 -16.53
C GLU A 185 23.65 26.22 -15.15
N TYR A 186 24.56 26.25 -14.18
CA TYR A 186 24.17 26.15 -12.77
C TYR A 186 23.74 27.52 -12.28
N LEU A 187 22.60 27.59 -11.62
CA LEU A 187 22.06 28.86 -11.14
C LEU A 187 22.51 29.14 -9.70
N ARG A 188 22.41 30.40 -9.30
CA ARG A 188 22.69 30.84 -7.94
C ARG A 188 21.43 31.48 -7.36
N GLU A 189 21.17 31.20 -6.09
CA GLU A 189 19.98 31.76 -5.45
C GLU A 189 20.28 33.09 -4.77
N THR B 19 -6.85 -13.91 3.68
CA THR B 19 -6.92 -14.39 2.29
C THR B 19 -5.54 -14.41 1.66
N PHE B 20 -5.07 -15.60 1.32
CA PHE B 20 -3.75 -15.80 0.75
C PHE B 20 -3.83 -15.90 -0.77
N ASN B 21 -2.79 -15.39 -1.43
CA ASN B 21 -2.62 -15.56 -2.87
C ASN B 21 -1.95 -16.90 -3.14
N LYS B 22 -2.47 -17.62 -4.14
CA LYS B 22 -2.05 -18.97 -4.46
C LYS B 22 -1.20 -18.98 -5.74
N ILE B 23 -0.15 -19.81 -5.75
CA ILE B 23 0.74 -19.85 -6.91
C ILE B 23 0.00 -20.40 -8.13
N GLU B 24 0.20 -19.76 -9.27
CA GLU B 24 -0.42 -20.21 -10.51
C GLU B 24 0.24 -21.48 -11.00
N LYS B 25 -0.52 -22.26 -11.76
CA LYS B 25 -0.05 -23.57 -12.22
C LYS B 25 1.24 -23.44 -13.01
N ILE B 26 1.33 -22.44 -13.89
CA ILE B 26 2.51 -22.34 -14.74
C ILE B 26 3.75 -22.04 -13.91
N ASN B 27 3.60 -21.35 -12.79
CA ASN B 27 4.76 -21.07 -11.94
C ASN B 27 5.17 -22.30 -11.15
N SER B 28 4.20 -23.08 -10.67
CA SER B 28 4.57 -24.33 -10.00
C SER B 28 5.25 -25.28 -10.96
N GLU B 29 4.86 -25.25 -12.24
CA GLU B 29 5.55 -26.04 -13.25
C GLU B 29 7.00 -25.57 -13.41
N LEU B 30 7.22 -24.25 -13.44
CA LEU B 30 8.59 -23.74 -13.52
C LEU B 30 9.41 -24.16 -12.32
N LEU B 31 8.83 -24.05 -11.12
CA LEU B 31 9.53 -24.52 -9.92
C LEU B 31 9.78 -26.03 -10.01
N ALA B 32 8.78 -26.79 -10.50
CA ALA B 32 8.92 -28.23 -10.59
C ALA B 32 10.08 -28.64 -11.50
N MET B 33 10.26 -27.93 -12.63
CA MET B 33 11.34 -28.27 -13.55
C MET B 33 12.71 -27.85 -12.99
N THR B 34 12.76 -26.71 -12.30
CA THR B 34 14.01 -26.30 -11.67
C THR B 34 14.43 -27.32 -10.62
N TYR B 35 13.50 -27.67 -9.74
CA TYR B 35 13.78 -28.72 -8.75
C TYR B 35 14.18 -30.03 -9.40
N GLY B 36 13.49 -30.42 -10.49
CA GLY B 36 13.84 -31.65 -11.19
C GLY B 36 15.26 -31.65 -11.72
N SER B 37 15.73 -30.50 -12.20
CA SER B 37 17.11 -30.41 -12.64
C SER B 37 18.06 -30.58 -11.47
N LEU B 38 17.67 -30.11 -10.28
CA LEU B 38 18.51 -30.29 -9.11
C LEU B 38 18.63 -31.77 -8.77
N VAL B 39 17.50 -32.45 -8.62
CA VAL B 39 17.52 -33.87 -8.27
C VAL B 39 18.25 -34.67 -9.33
N THR B 40 18.00 -34.37 -10.62
CA THR B 40 18.71 -35.07 -11.70
C THR B 40 20.22 -34.88 -11.58
N GLN B 41 20.66 -33.66 -11.29
CA GLN B 41 22.07 -33.41 -11.08
C GLN B 41 22.58 -34.23 -9.91
N MET B 42 21.80 -34.32 -8.83
CA MET B 42 22.24 -35.05 -7.65
C MET B 42 22.36 -36.53 -7.94
N LEU B 43 21.46 -37.09 -8.75
CA LEU B 43 21.53 -38.52 -9.05
C LEU B 43 22.78 -38.85 -9.84
N LYS B 44 23.32 -37.88 -10.57
CA LYS B 44 24.62 -38.09 -11.22
C LYS B 44 25.75 -38.09 -10.20
N ASP B 45 25.65 -37.23 -9.18
CA ASP B 45 26.71 -36.97 -8.20
C ASP B 45 26.71 -37.89 -7.00
N TYR B 46 25.67 -38.68 -6.79
CA TYR B 46 25.57 -39.51 -5.58
C TYR B 46 25.13 -40.91 -5.98
N GLU B 47 25.95 -41.90 -5.63
CA GLU B 47 25.53 -43.28 -5.69
C GLU B 47 24.70 -43.70 -4.49
N ASP B 48 24.68 -42.89 -3.44
CA ASP B 48 24.03 -43.24 -2.17
C ASP B 48 22.72 -42.47 -2.05
N VAL B 49 21.62 -43.17 -2.33
CA VAL B 49 20.28 -42.58 -2.27
C VAL B 49 19.99 -42.07 -0.86
N ALA B 50 20.45 -42.79 0.16
CA ALA B 50 20.28 -42.30 1.52
C ALA B 50 20.96 -40.95 1.68
N ALA B 51 22.16 -40.79 1.10
CA ALA B 51 22.83 -39.51 1.16
C ALA B 51 22.03 -38.43 0.45
N ILE B 52 21.43 -38.75 -0.70
CA ILE B 52 20.65 -37.74 -1.43
C ILE B 52 19.47 -37.30 -0.60
N ASN B 53 18.68 -38.26 -0.09
CA ASN B 53 17.56 -37.93 0.79
C ASN B 53 18.00 -36.99 1.90
N THR B 54 19.13 -37.29 2.54
CA THR B 54 19.60 -36.42 3.62
C THR B 54 19.93 -35.02 3.09
N GLN B 55 20.58 -34.94 1.92
CA GLN B 55 20.98 -33.64 1.40
CA GLN B 55 20.98 -33.64 1.40
C GLN B 55 19.78 -32.83 0.92
N LEU B 56 18.80 -33.47 0.29
CA LEU B 56 17.59 -32.76 -0.11
C LEU B 56 16.90 -32.15 1.11
N GLU B 57 16.85 -32.90 2.20
CA GLU B 57 16.23 -32.40 3.42
C GLU B 57 17.02 -31.23 4.01
N LYS B 58 18.36 -31.30 3.99
CA LYS B 58 19.15 -30.18 4.51
C LYS B 58 18.95 -28.93 3.67
N MET B 59 18.81 -29.09 2.34
CA MET B 59 18.54 -27.95 1.50
C MET B 59 17.19 -27.31 1.86
N GLY B 60 16.15 -28.14 2.10
CA GLY B 60 14.87 -27.59 2.48
C GLY B 60 14.93 -26.90 3.83
N TYR B 61 15.69 -27.47 4.76
CA TYR B 61 15.86 -26.86 6.07
C TYR B 61 16.35 -25.43 5.96
N LYS B 62 17.37 -25.17 5.13
CA LYS B 62 17.83 -23.78 4.99
C LYS B 62 16.75 -22.91 4.38
N MET B 63 16.03 -23.43 3.39
CA MET B 63 14.98 -22.63 2.77
C MET B 63 13.88 -22.28 3.77
N GLY B 64 13.49 -23.25 4.63
CA GLY B 64 12.44 -23.02 5.61
C GLY B 64 12.83 -22.01 6.68
N MET B 65 14.09 -22.00 7.08
CA MET B 65 14.54 -20.99 8.02
C MET B 65 14.47 -19.58 7.43
N ARG B 66 14.71 -19.44 6.13
CA ARG B 66 14.67 -18.12 5.51
C ARG B 66 13.26 -17.69 5.12
N LEU B 67 12.33 -18.61 4.94
CA LEU B 67 11.00 -18.28 4.42
C LEU B 67 9.97 -17.94 5.49
N ILE B 68 10.15 -18.42 6.72
CA ILE B 68 9.09 -18.41 7.72
C ILE B 68 8.60 -16.99 7.98
N ASP B 69 9.51 -16.00 7.98
CA ASP B 69 9.12 -14.63 8.32
C ASP B 69 8.21 -14.04 7.28
N GLU B 70 8.57 -14.17 6.01
CA GLU B 70 7.69 -13.73 4.96
C GLU B 70 6.42 -14.56 4.91
N PHE B 71 6.48 -15.85 5.23
CA PHE B 71 5.25 -16.61 5.23
C PHE B 71 4.30 -16.06 6.30
N MET B 72 4.80 -15.78 7.50
CA MET B 72 3.92 -15.26 8.54
C MET B 72 3.25 -13.97 8.10
N SER B 73 4.01 -13.06 7.49
CA SER B 73 3.41 -11.78 7.10
C SER B 73 2.47 -11.95 5.91
N LYS B 74 2.90 -12.66 4.87
CA LYS B 74 2.10 -12.77 3.65
C LYS B 74 0.94 -13.77 3.77
N SER B 75 0.88 -14.57 4.83
CA SER B 75 -0.17 -15.57 4.97
C SER B 75 -1.47 -15.05 5.57
N GLY B 76 -1.45 -13.88 6.21
CA GLY B 76 -2.62 -13.36 6.88
C GLY B 76 -2.98 -14.05 8.18
N LEU B 77 -2.09 -14.87 8.71
CA LEU B 77 -2.33 -15.55 9.96
C LEU B 77 -2.09 -14.59 11.12
N SER B 78 -2.70 -14.91 12.25
CA SER B 78 -2.67 -14.02 13.40
C SER B 78 -1.36 -14.13 14.18
N SER B 79 -1.23 -13.28 15.21
CA SER B 79 -0.02 -13.20 16.01
C SER B 79 0.26 -14.51 16.76
N GLY B 80 -0.79 -15.17 17.22
CA GLY B 80 -0.70 -16.43 17.93
C GLY B 80 -0.56 -17.65 17.05
N ALA B 81 -0.56 -17.47 15.72
CA ALA B 81 -0.89 -18.56 14.79
C ALA B 81 0.14 -19.69 14.70
N CYS B 82 1.42 -19.46 14.98
CA CYS B 82 2.34 -20.59 14.82
C CYS B 82 3.15 -20.81 16.07
N ARG B 83 2.54 -20.55 17.22
CA ARG B 83 3.18 -20.75 18.51
C ARG B 83 2.95 -22.13 19.08
N GLU B 84 1.81 -22.74 18.83
CA GLU B 84 1.53 -24.03 19.43
C GLU B 84 1.64 -25.06 18.31
N PHE B 85 2.17 -26.23 18.64
CA PHE B 85 2.40 -27.24 17.62
C PHE B 85 1.11 -27.75 16.98
N LYS B 86 0.08 -28.03 17.76
CA LYS B 86 -1.16 -28.53 17.14
C LYS B 86 -1.69 -27.55 16.09
N ASP B 87 -1.44 -26.25 16.27
CA ASP B 87 -1.93 -25.25 15.33
C ASP B 87 -1.17 -25.24 14.02
N THR B 88 0.07 -25.74 13.99
CA THR B 88 0.85 -25.63 12.77
C THR B 88 0.28 -26.49 11.65
N ALA B 89 -0.45 -27.55 12.00
CA ALA B 89 -0.91 -28.51 11.00
C ALA B 89 -1.79 -27.86 9.95
N GLU B 90 -2.82 -27.14 10.39
CA GLU B 90 -3.71 -26.47 9.44
C GLU B 90 -2.94 -25.43 8.61
N SER B 91 -2.05 -24.68 9.27
CA SER B 91 -1.32 -23.63 8.58
C SER B 91 -0.51 -24.19 7.43
N ILE B 92 0.12 -25.34 7.64
CA ILE B 92 0.92 -25.96 6.60
C ILE B 92 0.02 -26.56 5.52
N ALA B 93 -0.95 -27.37 5.94
CA ALA B 93 -1.76 -28.12 4.98
C ALA B 93 -2.66 -27.21 4.17
N LYS B 94 -3.30 -26.25 4.82
CA LYS B 94 -4.36 -25.45 4.21
C LYS B 94 -3.87 -24.08 3.73
N VAL B 95 -2.79 -23.54 4.27
CA VAL B 95 -2.23 -22.26 3.84
C VAL B 95 -0.93 -22.46 3.07
N ALA B 96 0.08 -23.04 3.72
CA ALA B 96 1.40 -23.19 3.10
C ALA B 96 1.35 -24.03 1.83
N PHE B 97 0.71 -25.22 1.89
CA PHE B 97 0.69 -26.08 0.69
C PHE B 97 -0.02 -25.39 -0.47
N LYS B 98 -1.05 -24.61 -0.19
CA LYS B 98 -1.73 -23.90 -1.27
C LYS B 98 -0.85 -22.79 -1.81
N MET B 99 -0.18 -22.04 -0.92
CA MET B 99 0.59 -20.87 -1.32
C MET B 99 1.82 -21.23 -2.14
N PHE B 100 2.52 -22.29 -1.75
CA PHE B 100 3.79 -22.57 -2.41
C PHE B 100 3.67 -23.55 -3.55
N LEU B 101 2.76 -24.52 -3.46
CA LEU B 101 2.64 -25.55 -4.48
C LEU B 101 1.30 -25.59 -5.18
N GLY B 102 0.31 -24.78 -4.75
CA GLY B 102 -1.00 -24.87 -5.36
C GLY B 102 -1.75 -26.16 -5.08
N ILE B 103 -1.36 -26.84 -4.01
CA ILE B 103 -1.86 -28.16 -3.61
C ILE B 103 -2.91 -28.02 -2.52
N ASN B 104 -3.91 -28.88 -2.56
CA ASN B 104 -4.82 -29.11 -1.44
C ASN B 104 -4.31 -30.30 -0.62
N ALA B 105 -4.10 -30.09 0.68
CA ALA B 105 -3.65 -31.17 1.56
C ALA B 105 -4.59 -31.29 2.76
N ASN B 106 -4.48 -32.41 3.47
CA ASN B 106 -5.28 -32.70 4.66
C ASN B 106 -4.43 -33.17 5.83
N VAL B 107 -5.00 -32.99 7.03
CA VAL B 107 -4.36 -33.43 8.27
C VAL B 107 -5.07 -34.70 8.74
N THR B 108 -4.32 -35.73 9.10
CA THR B 108 -4.91 -36.95 9.63
C THR B 108 -3.94 -37.58 10.62
N ASN B 109 -4.38 -38.70 11.21
CA ASN B 109 -3.58 -39.55 12.10
C ASN B 109 -3.02 -38.77 13.29
N TRP B 110 -3.88 -37.95 13.91
CA TRP B 110 -3.47 -37.23 15.10
C TRP B 110 -3.15 -38.23 16.18
N SER B 111 -2.10 -37.97 16.96
CA SER B 111 -1.93 -38.81 18.12
C SER B 111 -2.85 -38.29 19.21
N LYS B 112 -3.10 -39.14 20.22
CA LYS B 112 -3.98 -38.71 21.30
C LYS B 112 -3.50 -37.42 21.95
N ASP B 113 -2.20 -37.29 22.20
CA ASP B 113 -1.69 -36.09 22.83
C ASP B 113 -1.44 -34.95 21.85
N GLN B 114 -1.80 -35.13 20.58
CA GLN B 114 -1.64 -34.10 19.55
C GLN B 114 -0.18 -33.68 19.39
N THR B 115 0.76 -34.57 19.64
CA THR B 115 2.17 -34.29 19.37
C THR B 115 2.63 -34.88 18.04
N GLU B 116 1.76 -35.58 17.31
CA GLU B 116 2.10 -36.16 16.02
C GLU B 116 0.90 -35.99 15.09
N TYR B 117 1.15 -35.67 13.82
CA TYR B 117 0.08 -35.67 12.85
C TYR B 117 0.66 -35.97 11.48
N SER B 118 -0.22 -36.29 10.53
CA SER B 118 0.17 -36.51 9.15
C SER B 118 -0.49 -35.51 8.21
N ILE B 119 0.22 -35.19 7.15
CA ILE B 119 -0.28 -34.35 6.05
C ILE B 119 -0.36 -35.23 4.80
N VAL B 120 -1.56 -35.41 4.26
CA VAL B 120 -1.77 -36.21 3.06
C VAL B 120 -2.17 -35.29 1.91
N PHE B 121 -1.72 -35.64 0.71
CA PHE B 121 -2.06 -34.91 -0.49
C PHE B 121 -2.01 -35.88 -1.66
N ASP B 122 -2.95 -35.73 -2.58
CA ASP B 122 -3.11 -36.68 -3.69
C ASP B 122 -2.30 -36.29 -4.91
N GLU B 123 -1.99 -35.02 -5.06
CA GLU B 123 -1.28 -34.52 -6.22
C GLU B 123 -0.08 -33.72 -5.74
N ASN B 124 0.98 -33.73 -6.52
CA ASN B 124 2.21 -33.03 -6.18
C ASN B 124 2.84 -32.55 -7.48
N PRO B 125 2.83 -31.23 -7.76
CA PRO B 125 3.35 -30.77 -9.05
C PRO B 125 4.82 -31.07 -9.25
N LEU B 126 5.57 -31.25 -8.17
CA LEU B 126 6.96 -31.67 -8.32
C LEU B 126 7.06 -33.02 -8.97
N ASN B 127 6.01 -33.86 -8.85
CA ASN B 127 6.02 -35.20 -9.44
C ASN B 127 5.67 -35.23 -10.92
N ASP B 128 5.19 -34.11 -11.50
CA ASP B 128 4.72 -34.14 -12.87
C ASP B 128 5.80 -34.63 -13.84
N PHE B 129 5.43 -35.63 -14.64
CA PHE B 129 6.27 -36.24 -15.68
C PHE B 129 7.52 -36.92 -15.15
N VAL B 130 7.60 -37.22 -13.86
CA VAL B 130 8.76 -37.88 -13.28
C VAL B 130 8.49 -39.38 -13.17
N GLU B 131 9.46 -40.18 -13.61
CA GLU B 131 9.38 -41.64 -13.53
C GLU B 131 10.70 -42.14 -12.96
N LEU B 132 10.65 -42.77 -11.79
CA LEU B 132 11.91 -43.25 -11.21
C LEU B 132 12.27 -44.63 -11.73
N PRO B 133 13.54 -44.88 -12.08
CA PRO B 133 13.95 -46.24 -12.44
C PRO B 133 13.76 -47.19 -11.27
N GLU B 134 13.54 -48.47 -11.59
CA GLU B 134 13.26 -49.47 -10.56
C GLU B 134 14.32 -49.51 -9.46
N PRO B 135 15.64 -49.47 -9.75
CA PRO B 135 16.60 -49.46 -8.63
C PRO B 135 16.46 -48.25 -7.74
N ILE B 136 16.15 -47.08 -8.30
CA ILE B 136 15.92 -45.90 -7.48
C ILE B 136 14.66 -46.06 -6.66
N LYS B 137 13.63 -46.65 -7.25
CA LYS B 137 12.41 -46.97 -6.50
C LYS B 137 12.71 -47.96 -5.39
N GLN B 138 13.49 -49.00 -5.70
CA GLN B 138 13.78 -50.05 -4.72
C GLN B 138 14.56 -49.49 -3.52
N LYS B 139 15.44 -48.52 -3.76
CA LYS B 139 16.14 -47.88 -2.67
C LYS B 139 15.30 -46.82 -1.98
N ARG B 140 14.08 -46.58 -2.44
CA ARG B 140 13.11 -45.64 -1.83
C ARG B 140 13.69 -44.23 -1.71
N LEU B 141 14.12 -43.68 -2.84
CA LEU B 141 14.36 -42.24 -2.89
C LEU B 141 13.05 -41.50 -2.64
N TYR B 142 13.10 -40.48 -1.79
CA TYR B 142 11.96 -39.59 -1.56
C TYR B 142 12.23 -38.32 -2.35
N TYR B 143 11.78 -38.35 -3.61
CA TYR B 143 12.06 -37.31 -4.59
C TYR B 143 11.78 -35.93 -4.06
N SER B 144 10.70 -35.77 -3.28
CA SER B 144 10.30 -34.48 -2.73
C SER B 144 10.72 -34.32 -1.27
N ASN B 145 11.83 -34.94 -0.84
CA ASN B 145 12.21 -34.85 0.57
C ASN B 145 12.52 -33.41 1.00
N ILE B 146 12.83 -32.52 0.05
CA ILE B 146 13.03 -31.10 0.37
C ILE B 146 11.85 -30.50 1.10
N ILE B 147 10.63 -30.98 0.84
CA ILE B 147 9.46 -30.45 1.54
C ILE B 147 9.57 -30.69 3.03
N CYS B 148 10.07 -31.88 3.42
CA CYS B 148 10.21 -32.18 4.84
C CYS B 148 11.16 -31.20 5.50
N GLY B 149 12.25 -30.87 4.80
CA GLY B 149 13.21 -29.93 5.34
C GLY B 149 12.65 -28.53 5.50
N VAL B 150 11.90 -28.05 4.51
CA VAL B 150 11.28 -26.72 4.64
C VAL B 150 10.39 -26.68 5.87
N ILE B 151 9.60 -27.74 6.09
CA ILE B 151 8.77 -27.81 7.29
C ILE B 151 9.65 -27.78 8.54
N ARG B 152 10.67 -28.60 8.58
CA ARG B 152 11.48 -28.66 9.78
C ARG B 152 12.16 -27.32 10.03
N GLY B 153 12.66 -26.69 8.96
CA GLY B 153 13.38 -25.44 9.12
C GLY B 153 12.48 -24.30 9.58
N ALA B 154 11.27 -24.20 9.00
CA ALA B 154 10.36 -23.14 9.42
C ALA B 154 9.96 -23.31 10.88
N LEU B 155 9.60 -24.54 11.29
CA LEU B 155 9.17 -24.76 12.66
C LEU B 155 10.33 -24.60 13.66
N GLU B 156 11.57 -24.89 13.24
CA GLU B 156 12.71 -24.60 14.12
C GLU B 156 12.78 -23.12 14.44
N MET B 157 12.50 -22.28 13.44
CA MET B 157 12.54 -20.83 13.66
C MET B 157 11.45 -20.37 14.62
N VAL B 158 10.34 -21.10 14.73
CA VAL B 158 9.39 -20.71 15.76
C VAL B 158 9.52 -21.63 16.96
N LEU B 159 10.73 -22.17 17.18
CA LEU B 159 11.12 -22.82 18.44
C LEU B 159 10.36 -24.14 18.68
N MET B 160 10.12 -24.89 17.61
CA MET B 160 9.56 -26.24 17.71
C MET B 160 10.56 -27.15 17.03
N ARG B 161 11.11 -28.07 17.77
CA ARG B 161 11.98 -29.06 17.18
C ARG B 161 11.13 -30.27 16.84
N VAL B 162 11.01 -30.55 15.55
CA VAL B 162 10.09 -31.56 15.04
C VAL B 162 10.87 -32.55 14.21
N GLU B 163 10.31 -33.75 14.10
CA GLU B 163 10.76 -34.77 13.18
C GLU B 163 9.71 -34.84 12.08
N CYS B 164 10.18 -34.86 10.84
CA CYS B 164 9.32 -34.74 9.68
C CYS B 164 9.85 -35.70 8.62
N GLU B 165 9.07 -36.73 8.28
CA GLU B 165 9.55 -37.73 7.33
C GLU B 165 8.45 -38.14 6.36
N TYR B 166 8.87 -38.48 5.15
CA TYR B 166 7.94 -39.02 4.19
C TYR B 166 7.58 -40.44 4.58
N LYS B 167 6.30 -40.77 4.42
CA LYS B 167 5.84 -42.13 4.63
C LYS B 167 5.29 -42.77 3.38
N LYS B 168 4.65 -42.02 2.50
CA LYS B 168 4.09 -42.56 1.28
C LYS B 168 4.36 -41.59 0.15
N CYS B 169 4.69 -42.10 -1.04
CA CYS B 169 4.90 -41.28 -2.24
C CYS B 169 4.45 -42.07 -3.46
N PRO B 170 3.63 -41.48 -4.34
CA PRO B 170 3.15 -42.22 -5.52
C PRO B 170 4.25 -42.66 -6.48
N LEU B 171 5.40 -41.96 -6.52
CA LEU B 171 6.50 -42.41 -7.37
C LEU B 171 7.03 -43.77 -6.96
N LEU B 172 6.79 -44.18 -5.72
CA LEU B 172 7.17 -45.48 -5.19
C LEU B 172 6.00 -46.45 -5.18
N GLY B 173 4.91 -46.11 -5.87
CA GLY B 173 3.76 -46.99 -5.96
C GLY B 173 2.71 -46.80 -4.89
N ASP B 174 2.86 -45.80 -4.02
CA ASP B 174 1.80 -45.61 -3.03
C ASP B 174 0.64 -44.85 -3.63
N ASP B 175 -0.52 -45.03 -3.00
CA ASP B 175 -1.75 -44.41 -3.47
C ASP B 175 -1.78 -42.90 -3.22
N GLN B 176 -0.99 -42.40 -2.26
CA GLN B 176 -0.99 -40.96 -2.01
C GLN B 176 0.33 -40.54 -1.37
N SER B 177 0.51 -39.24 -1.22
CA SER B 177 1.64 -38.74 -0.47
C SER B 177 1.24 -38.60 0.99
N GLU B 178 2.14 -39.01 1.88
CA GLU B 178 1.92 -38.78 3.30
C GLU B 178 3.25 -38.33 3.92
N ILE B 179 3.19 -37.24 4.67
CA ILE B 179 4.32 -36.71 5.43
C ILE B 179 3.93 -36.72 6.89
N ARG B 180 4.80 -37.29 7.73
CA ARG B 180 4.55 -37.39 9.17
C ARG B 180 5.31 -36.29 9.88
N VAL B 181 4.62 -35.60 10.80
CA VAL B 181 5.22 -34.51 11.59
C VAL B 181 5.04 -34.86 13.06
N ARG B 182 6.15 -34.91 13.79
CA ARG B 182 6.13 -35.25 15.21
C ARG B 182 6.89 -34.20 16.01
N LEU B 183 6.27 -33.66 17.06
CA LEU B 183 6.96 -32.71 17.90
C LEU B 183 7.89 -33.47 18.85
N LYS B 184 9.17 -33.12 18.85
CA LYS B 184 10.07 -33.77 19.78
C LYS B 184 10.12 -32.97 21.08
N GLU B 185 10.21 -31.65 20.97
CA GLU B 185 10.17 -30.78 22.12
C GLU B 185 10.08 -29.33 21.64
N TYR B 186 9.50 -28.48 22.48
CA TYR B 186 9.60 -27.04 22.36
C TYR B 186 10.99 -26.63 22.86
N LEU B 187 11.64 -25.68 22.19
CA LEU B 187 13.00 -25.31 22.53
C LEU B 187 13.11 -24.35 23.71
N ARG B 188 12.00 -23.80 24.19
CA ARG B 188 11.98 -22.98 25.40
C ARG B 188 11.05 -23.62 26.41
N GLU B 189 11.43 -23.62 27.69
CA GLU B 189 10.66 -24.32 28.72
C GLU B 189 9.44 -23.57 29.20
N ILE C 23 -6.10 9.68 -6.22
CA ILE C 23 -5.67 8.70 -5.23
C ILE C 23 -4.56 9.29 -4.36
N GLU C 24 -3.32 8.89 -4.62
CA GLU C 24 -2.20 9.49 -3.90
C GLU C 24 -2.06 10.96 -4.29
N LYS C 25 -1.53 11.75 -3.35
CA LYS C 25 -1.48 13.19 -3.53
C LYS C 25 -0.70 13.58 -4.79
N ILE C 26 0.46 12.96 -5.02
CA ILE C 26 1.30 13.39 -6.14
C ILE C 26 0.62 13.08 -7.47
N ASN C 27 -0.09 11.96 -7.53
CA ASN C 27 -0.82 11.65 -8.77
C ASN C 27 -2.05 12.54 -8.93
N SER C 28 -2.72 12.85 -7.81
CA SER C 28 -3.88 13.74 -7.86
C SER C 28 -3.47 15.18 -8.18
N GLU C 29 -2.32 15.62 -7.65
CA GLU C 29 -1.80 16.94 -8.00
C GLU C 29 -1.41 17.00 -9.47
N LEU C 30 -0.78 15.94 -9.96
CA LEU C 30 -0.40 15.88 -11.36
C LEU C 30 -1.61 15.92 -12.28
N LEU C 31 -2.67 15.17 -11.92
CA LEU C 31 -3.92 15.23 -12.70
C LEU C 31 -4.55 16.62 -12.63
N ALA C 32 -4.59 17.23 -11.44
CA ALA C 32 -5.13 18.58 -11.33
C ALA C 32 -4.38 19.57 -12.21
N MET C 33 -3.05 19.44 -12.30
CA MET C 33 -2.28 20.38 -13.12
C MET C 33 -2.47 20.14 -14.61
N THR C 34 -2.53 18.87 -15.02
CA THR C 34 -2.77 18.58 -16.42
C THR C 34 -4.15 19.10 -16.84
N TYR C 35 -5.17 18.80 -16.05
CA TYR C 35 -6.51 19.33 -16.31
C TYR C 35 -6.51 20.84 -16.30
N GLY C 36 -5.78 21.45 -15.34
CA GLY C 36 -5.68 22.90 -15.29
C GLY C 36 -5.09 23.51 -16.53
N SER C 37 -4.08 22.86 -17.13
CA SER C 37 -3.53 23.34 -18.40
C SER C 37 -4.58 23.27 -19.51
N LEU C 38 -5.46 22.25 -19.46
CA LEU C 38 -6.53 22.14 -20.46
C LEU C 38 -7.51 23.30 -20.32
N VAL C 39 -8.01 23.55 -19.11
CA VAL C 39 -8.97 24.65 -18.91
C VAL C 39 -8.33 25.97 -19.27
N THR C 40 -7.06 26.16 -18.87
CA THR C 40 -6.34 27.38 -19.19
C THR C 40 -6.25 27.59 -20.70
N GLN C 41 -5.92 26.53 -21.43
CA GLN C 41 -5.87 26.64 -22.89
C GLN C 41 -7.23 27.01 -23.47
N MET C 42 -8.31 26.40 -22.95
CA MET C 42 -9.64 26.73 -23.46
C MET C 42 -10.05 28.16 -23.11
N LEU C 43 -9.66 28.67 -21.93
CA LEU C 43 -10.06 30.01 -21.53
C LEU C 43 -9.56 31.10 -22.47
N LYS C 44 -8.71 30.79 -23.45
CA LYS C 44 -8.38 31.78 -24.46
C LYS C 44 -9.65 32.23 -25.19
N ASP C 45 -10.63 31.32 -25.34
CA ASP C 45 -11.92 31.63 -25.96
C ASP C 45 -12.83 32.25 -24.90
N TYR C 46 -12.40 33.42 -24.43
CA TYR C 46 -13.03 33.99 -23.24
CA TYR C 46 -12.98 34.15 -23.29
C TYR C 46 -14.46 34.47 -23.50
N GLU C 47 -14.88 34.61 -24.76
CA GLU C 47 -16.20 35.19 -25.01
C GLU C 47 -17.32 34.16 -25.06
N ASP C 48 -17.01 32.86 -25.09
CA ASP C 48 -18.05 31.82 -25.12
C ASP C 48 -17.71 30.79 -24.04
N VAL C 49 -17.89 31.21 -22.80
CA VAL C 49 -17.64 30.37 -21.64
C VAL C 49 -18.59 29.18 -21.64
N ALA C 50 -19.82 29.40 -22.10
CA ALA C 50 -20.79 28.32 -22.19
C ALA C 50 -20.27 27.20 -23.09
N ALA C 51 -19.68 27.54 -24.22
CA ALA C 51 -19.11 26.50 -25.08
C ALA C 51 -17.97 25.77 -24.37
N ILE C 52 -17.22 26.49 -23.53
CA ILE C 52 -16.16 25.84 -22.76
C ILE C 52 -16.77 24.81 -21.82
N ASN C 53 -17.78 25.22 -21.06
CA ASN C 53 -18.49 24.27 -20.20
C ASN C 53 -18.92 23.03 -20.99
N THR C 54 -19.52 23.24 -22.16
CA THR C 54 -20.03 22.13 -22.97
C THR C 54 -18.91 21.21 -23.46
N GLN C 55 -17.80 21.77 -23.93
CA GLN C 55 -16.71 20.93 -24.40
CA GLN C 55 -16.71 20.93 -24.40
C GLN C 55 -16.06 20.15 -23.27
N LEU C 56 -16.00 20.72 -22.06
CA LEU C 56 -15.46 20.00 -20.93
C LEU C 56 -16.35 18.80 -20.61
N GLU C 57 -17.66 18.99 -20.71
CA GLU C 57 -18.59 17.90 -20.47
C GLU C 57 -18.43 16.79 -21.52
N LYS C 58 -18.28 17.17 -22.78
CA LYS C 58 -18.12 16.18 -23.84
C LYS C 58 -16.83 15.39 -23.70
N MET C 59 -15.77 16.05 -23.21
CA MET C 59 -14.54 15.34 -22.92
C MET C 59 -14.77 14.31 -21.81
N GLY C 60 -15.50 14.70 -20.77
CA GLY C 60 -15.82 13.75 -19.72
C GLY C 60 -16.75 12.65 -20.20
N TYR C 61 -17.72 13.03 -21.03
CA TYR C 61 -18.64 12.04 -21.58
C TYR C 61 -17.88 10.91 -22.27
N LYS C 62 -16.93 11.26 -23.14
CA LYS C 62 -16.16 10.22 -23.81
C LYS C 62 -15.32 9.43 -22.82
N MET C 63 -14.77 10.09 -21.80
CA MET C 63 -13.95 9.38 -20.82
C MET C 63 -14.80 8.41 -20.01
N GLY C 64 -15.99 8.84 -19.60
CA GLY C 64 -16.81 7.99 -18.74
C GLY C 64 -17.28 6.72 -19.42
N MET C 65 -17.54 6.78 -20.72
CA MET C 65 -17.90 5.55 -21.43
C MET C 65 -16.74 4.57 -21.43
N ARG C 66 -15.50 5.07 -21.48
CA ARG C 66 -14.33 4.20 -21.53
C ARG C 66 -13.93 3.74 -20.13
N LEU C 67 -14.27 4.49 -19.11
CA LEU C 67 -13.81 4.24 -17.76
C LEU C 67 -14.71 3.31 -16.95
N ILE C 68 -16.00 3.18 -17.31
CA ILE C 68 -16.97 2.51 -16.45
C ILE C 68 -16.57 1.07 -16.18
N ASP C 69 -16.03 0.36 -17.18
CA ASP C 69 -15.72 -1.04 -16.98
C ASP C 69 -14.63 -1.20 -15.95
N GLU C 70 -13.60 -0.35 -16.01
CA GLU C 70 -12.54 -0.38 -15.02
C GLU C 70 -13.07 -0.07 -13.63
N PHE C 71 -14.01 0.87 -13.51
CA PHE C 71 -14.58 1.17 -12.20
C PHE C 71 -15.30 -0.04 -11.62
N MET C 72 -16.12 -0.70 -12.45
CA MET C 72 -16.83 -1.88 -11.97
C MET C 72 -15.85 -2.92 -11.43
N SER C 73 -14.72 -3.09 -12.12
CA SER C 73 -13.74 -4.10 -11.71
C SER C 73 -13.08 -3.72 -10.40
N LYS C 74 -12.60 -2.48 -10.27
CA LYS C 74 -11.89 -2.15 -9.05
C LYS C 74 -12.84 -1.87 -7.89
N SER C 75 -14.13 -1.67 -8.16
CA SER C 75 -15.10 -1.45 -7.09
C SER C 75 -15.75 -2.74 -6.61
N GLY C 76 -15.72 -3.79 -7.42
CA GLY C 76 -16.37 -5.05 -7.11
C GLY C 76 -17.88 -5.06 -7.26
N LEU C 77 -18.48 -4.07 -7.91
CA LEU C 77 -19.92 -4.06 -8.07
C LEU C 77 -20.35 -4.91 -9.27
N SER C 78 -21.51 -5.55 -9.13
CA SER C 78 -22.07 -6.40 -10.17
C SER C 78 -22.93 -5.57 -11.12
N SER C 79 -23.45 -6.23 -12.17
CA SER C 79 -24.36 -5.54 -13.07
C SER C 79 -25.67 -5.18 -12.36
N GLY C 80 -26.13 -6.04 -11.44
CA GLY C 80 -27.37 -5.74 -10.75
C GLY C 80 -27.23 -4.67 -9.69
N ALA C 81 -25.99 -4.27 -9.40
CA ALA C 81 -25.73 -3.15 -8.51
C ALA C 81 -26.18 -1.84 -9.15
N CYS C 82 -26.48 -1.88 -10.46
CA CYS C 82 -26.80 -0.71 -11.26
C CYS C 82 -28.16 -0.87 -11.90
N ARG C 83 -29.09 -1.54 -11.20
CA ARG C 83 -30.40 -1.76 -11.79
C ARG C 83 -31.27 -0.51 -11.71
N GLU C 84 -31.18 0.23 -10.60
CA GLU C 84 -32.03 1.39 -10.41
C GLU C 84 -31.18 2.65 -10.32
N PHE C 85 -31.75 3.73 -10.86
CA PHE C 85 -31.11 5.05 -10.88
C PHE C 85 -30.79 5.51 -9.46
N LYS C 86 -31.71 5.27 -8.52
CA LYS C 86 -31.48 5.65 -7.13
C LYS C 86 -30.20 5.03 -6.59
N ASP C 87 -29.81 3.84 -7.09
CA ASP C 87 -28.60 3.18 -6.60
C ASP C 87 -27.32 3.90 -7.04
N THR C 88 -27.38 4.68 -8.12
CA THR C 88 -26.17 5.31 -8.61
C THR C 88 -25.64 6.36 -7.66
N ALA C 89 -26.51 6.93 -6.83
CA ALA C 89 -26.10 8.05 -5.98
C ALA C 89 -24.98 7.63 -5.02
N GLU C 90 -25.20 6.58 -4.23
CA GLU C 90 -24.18 6.12 -3.31
C GLU C 90 -22.95 5.62 -4.06
N SER C 91 -23.17 4.92 -5.17
CA SER C 91 -22.06 4.38 -5.95
C SER C 91 -21.12 5.46 -6.42
N ILE C 92 -21.67 6.57 -6.93
CA ILE C 92 -20.84 7.67 -7.40
C ILE C 92 -20.27 8.47 -6.25
N ALA C 93 -21.14 8.91 -5.33
CA ALA C 93 -20.73 9.85 -4.29
C ALA C 93 -19.77 9.22 -3.30
N LYS C 94 -19.99 7.96 -2.94
CA LYS C 94 -19.22 7.34 -1.87
C LYS C 94 -18.08 6.46 -2.35
N VAL C 95 -18.14 5.93 -3.58
CA VAL C 95 -17.09 5.03 -4.08
C VAL C 95 -16.28 5.67 -5.20
N ALA C 96 -16.94 6.07 -6.30
CA ALA C 96 -16.24 6.62 -7.46
C ALA C 96 -15.46 7.88 -7.10
N PHE C 97 -16.09 8.80 -6.37
CA PHE C 97 -15.43 10.05 -6.05
C PHE C 97 -14.17 9.81 -5.23
N LYS C 98 -14.21 8.84 -4.32
CA LYS C 98 -13.01 8.53 -3.55
C LYS C 98 -11.95 7.88 -4.43
N MET C 99 -12.37 6.97 -5.30
CA MET C 99 -11.45 6.20 -6.12
C MET C 99 -10.73 7.08 -7.15
N PHE C 100 -11.45 8.03 -7.75
CA PHE C 100 -10.91 8.83 -8.84
C PHE C 100 -10.36 10.18 -8.42
N LEU C 101 -10.98 10.85 -7.45
CA LEU C 101 -10.55 12.18 -7.05
C LEU C 101 -10.14 12.29 -5.59
N GLY C 102 -10.31 11.23 -4.80
CA GLY C 102 -10.07 11.33 -3.38
C GLY C 102 -11.08 12.18 -2.65
N ILE C 103 -12.24 12.41 -3.24
CA ILE C 103 -13.27 13.27 -2.68
C ILE C 103 -14.28 12.41 -1.96
N ASN C 104 -14.70 12.86 -0.78
CA ASN C 104 -15.89 12.32 -0.11
C ASN C 104 -17.06 13.24 -0.43
N ALA C 105 -18.13 12.66 -0.95
CA ALA C 105 -19.30 13.43 -1.34
C ALA C 105 -20.54 12.94 -0.59
N ASN C 106 -21.59 13.76 -0.62
CA ASN C 106 -22.86 13.41 -0.02
C ASN C 106 -24.00 13.61 -1.01
N VAL C 107 -25.09 12.89 -0.76
CA VAL C 107 -26.32 12.94 -1.58
C VAL C 107 -27.40 13.68 -0.82
N THR C 108 -28.06 14.64 -1.50
CA THR C 108 -29.12 15.43 -0.90
C THR C 108 -30.11 15.79 -2.00
N ASN C 109 -31.15 16.52 -1.58
CA ASN C 109 -32.14 17.12 -2.50
C ASN C 109 -32.76 16.07 -3.43
N TRP C 110 -33.16 14.93 -2.84
CA TRP C 110 -33.86 13.93 -3.62
C TRP C 110 -35.18 14.48 -4.13
N SER C 111 -35.55 14.06 -5.34
CA SER C 111 -36.89 14.34 -5.79
C SER C 111 -37.85 13.31 -5.22
N LYS C 112 -39.13 13.67 -5.20
CA LYS C 112 -40.12 12.74 -4.64
C LYS C 112 -40.09 11.41 -5.37
N ASP C 113 -40.02 11.44 -6.71
CA ASP C 113 -40.02 10.24 -7.52
C ASP C 113 -38.64 9.60 -7.65
N GLN C 114 -37.64 10.11 -6.94
CA GLN C 114 -36.29 9.54 -6.92
C GLN C 114 -35.66 9.51 -8.31
N THR C 115 -36.06 10.40 -9.20
CA THR C 115 -35.40 10.52 -10.49
C THR C 115 -34.36 11.64 -10.49
N GLU C 116 -34.20 12.35 -9.38
CA GLU C 116 -33.21 13.41 -9.27
C GLU C 116 -32.57 13.38 -7.89
N TYR C 117 -31.27 13.63 -7.87
CA TYR C 117 -30.56 13.85 -6.63
C TYR C 117 -29.40 14.78 -6.95
N SER C 118 -28.82 15.36 -5.90
CA SER C 118 -27.63 16.18 -6.03
C SER C 118 -26.49 15.51 -5.30
N ILE C 119 -25.28 15.74 -5.81
CA ILE C 119 -24.04 15.30 -5.17
C ILE C 119 -23.35 16.55 -4.67
N VAL C 120 -23.21 16.69 -3.35
CA VAL C 120 -22.62 17.88 -2.75
C VAL C 120 -21.29 17.52 -2.09
N PHE C 121 -20.32 18.42 -2.21
CA PHE C 121 -19.00 18.22 -1.63
C PHE C 121 -18.32 19.57 -1.41
N ASP C 122 -17.54 19.68 -0.34
CA ASP C 122 -16.90 20.95 -0.01
C ASP C 122 -15.46 21.08 -0.51
N GLU C 123 -14.78 19.98 -0.88
CA GLU C 123 -13.39 20.07 -1.34
C GLU C 123 -13.25 19.40 -2.70
N ASN C 124 -12.35 19.93 -3.53
CA ASN C 124 -12.12 19.39 -4.86
C ASN C 124 -10.67 19.60 -5.29
N PRO C 125 -9.87 18.54 -5.40
CA PRO C 125 -8.45 18.73 -5.73
C PRO C 125 -8.20 19.39 -7.07
N LEU C 126 -9.13 19.28 -8.03
CA LEU C 126 -8.93 19.99 -9.30
C LEU C 126 -8.92 21.50 -9.08
N ASN C 127 -9.58 21.98 -8.04
CA ASN C 127 -9.70 23.41 -7.76
C ASN C 127 -8.48 24.02 -7.08
N ASP C 128 -7.52 23.22 -6.64
CA ASP C 128 -6.40 23.70 -5.82
C ASP C 128 -5.62 24.81 -6.50
N PHE C 129 -5.43 25.92 -5.77
CA PHE C 129 -4.63 27.05 -6.21
C PHE C 129 -5.22 27.75 -7.44
N VAL C 130 -6.49 27.51 -7.74
CA VAL C 130 -7.16 28.09 -8.90
C VAL C 130 -7.94 29.30 -8.41
N GLU C 131 -7.82 30.39 -9.15
CA GLU C 131 -8.55 31.61 -8.84
C GLU C 131 -9.08 32.13 -10.16
N LEU C 132 -10.41 32.21 -10.28
CA LEU C 132 -10.92 32.71 -11.55
C LEU C 132 -10.98 34.23 -11.54
N PRO C 133 -10.55 34.88 -12.63
CA PRO C 133 -10.72 36.32 -12.75
C PRO C 133 -12.20 36.70 -12.69
N GLU C 134 -12.46 37.93 -12.26
CA GLU C 134 -13.84 38.34 -12.01
C GLU C 134 -14.77 38.16 -13.22
N PRO C 135 -14.42 38.58 -14.43
CA PRO C 135 -15.34 38.35 -15.57
C PRO C 135 -15.60 36.88 -15.87
N ILE C 136 -14.65 35.99 -15.58
CA ILE C 136 -14.91 34.56 -15.78
C ILE C 136 -15.91 34.07 -14.73
N LYS C 137 -15.81 34.56 -13.48
CA LYS C 137 -16.79 34.15 -12.47
C LYS C 137 -18.19 34.60 -12.86
N GLN C 138 -18.31 35.84 -13.35
CA GLN C 138 -19.61 36.38 -13.73
C GLN C 138 -20.20 35.57 -14.88
N LYS C 139 -19.35 35.05 -15.75
CA LYS C 139 -19.80 34.20 -16.85
C LYS C 139 -20.05 32.76 -16.42
N ARG C 140 -19.81 32.44 -15.15
CA ARG C 140 -20.12 31.12 -14.58
C ARG C 140 -19.46 29.98 -15.36
N LEU C 141 -18.15 30.08 -15.54
CA LEU C 141 -17.40 28.88 -15.90
C LEU C 141 -17.57 27.82 -14.84
N TYR C 142 -17.81 26.59 -15.28
CA TYR C 142 -17.80 25.46 -14.35
C TYR C 142 -16.49 24.71 -14.58
N TYR C 143 -15.48 25.16 -13.83
CA TYR C 143 -14.10 24.70 -14.00
C TYR C 143 -13.99 23.18 -14.07
N SER C 144 -14.75 22.45 -13.26
CA SER C 144 -14.70 21.00 -13.17
C SER C 144 -15.79 20.29 -13.96
N ASN C 145 -16.30 20.90 -15.04
CA ASN C 145 -17.47 20.34 -15.72
C ASN C 145 -17.19 18.97 -16.32
N ILE C 146 -15.92 18.63 -16.52
CA ILE C 146 -15.56 17.30 -17.00
C ILE C 146 -16.18 16.21 -16.12
N ILE C 147 -16.42 16.50 -14.84
CA ILE C 147 -17.03 15.51 -13.95
C ILE C 147 -18.44 15.16 -14.39
N CYS C 148 -19.21 16.14 -14.83
CA CYS C 148 -20.57 15.85 -15.26
C CYS C 148 -20.59 14.90 -16.45
N GLY C 149 -19.68 15.10 -17.40
CA GLY C 149 -19.64 14.23 -18.57
C GLY C 149 -19.26 12.81 -18.21
N VAL C 150 -18.31 12.66 -17.29
CA VAL C 150 -17.92 11.32 -16.85
C VAL C 150 -19.12 10.57 -16.28
N ILE C 151 -19.95 11.27 -15.51
CA ILE C 151 -21.15 10.68 -14.91
C ILE C 151 -22.13 10.27 -15.99
N ARG C 152 -22.37 11.17 -16.95
CA ARG C 152 -23.33 10.88 -18.03
C ARG C 152 -22.86 9.73 -18.90
N GLY C 153 -21.58 9.72 -19.27
CA GLY C 153 -21.09 8.66 -20.12
C GLY C 153 -21.05 7.32 -19.39
N ALA C 154 -20.64 7.34 -18.12
CA ALA C 154 -20.62 6.09 -17.38
C ALA C 154 -22.02 5.49 -17.25
N LEU C 155 -23.00 6.31 -16.87
CA LEU C 155 -24.32 5.77 -16.62
C LEU C 155 -24.99 5.28 -17.90
N GLU C 156 -24.65 5.89 -19.04
CA GLU C 156 -25.17 5.40 -20.31
C GLU C 156 -24.76 3.96 -20.53
N MET C 157 -23.55 3.60 -20.11
CA MET C 157 -23.11 2.23 -20.29
C MET C 157 -23.91 1.23 -19.44
N VAL C 158 -24.50 1.67 -18.34
CA VAL C 158 -25.43 0.83 -17.59
C VAL C 158 -26.86 1.24 -17.94
N LEU C 159 -27.04 1.70 -19.18
CA LEU C 159 -28.35 1.82 -19.83
C LEU C 159 -29.25 2.85 -19.16
N MET C 160 -28.66 3.95 -18.71
CA MET C 160 -29.41 5.07 -18.17
C MET C 160 -29.00 6.32 -18.93
N ARG C 161 -29.98 6.98 -19.54
CA ARG C 161 -29.74 8.29 -20.13
C ARG C 161 -30.04 9.33 -19.07
N VAL C 162 -29.00 10.08 -18.68
CA VAL C 162 -29.15 11.06 -17.61
C VAL C 162 -28.70 12.42 -18.12
N GLU C 163 -29.17 13.46 -17.44
CA GLU C 163 -28.65 14.81 -17.57
C GLU C 163 -27.96 15.16 -16.25
N CYS C 164 -26.78 15.73 -16.33
CA CYS C 164 -25.93 15.97 -15.17
C CYS C 164 -25.24 17.33 -15.32
N GLU C 165 -25.54 18.27 -14.42
CA GLU C 165 -25.02 19.62 -14.53
C GLU C 165 -24.60 20.16 -13.17
N TYR C 166 -23.62 21.07 -13.22
CA TYR C 166 -23.20 21.79 -12.03
C TYR C 166 -24.24 22.83 -11.64
N LYS C 167 -24.48 22.96 -10.34
CA LYS C 167 -25.35 24.00 -9.83
C LYS C 167 -24.65 24.98 -8.91
N LYS C 168 -23.66 24.53 -8.13
CA LYS C 168 -22.94 25.39 -7.22
C LYS C 168 -21.47 24.98 -7.23
N CYS C 169 -20.56 25.98 -7.19
CA CYS C 169 -19.11 25.75 -7.16
C CYS C 169 -18.44 26.85 -6.33
N PRO C 170 -17.59 26.50 -5.38
CA PRO C 170 -16.92 27.55 -4.57
C PRO C 170 -16.06 28.52 -5.37
N LEU C 171 -15.53 28.12 -6.52
CA LEU C 171 -14.80 29.09 -7.33
C LEU C 171 -15.68 30.26 -7.77
N LEU C 172 -17.00 30.08 -7.78
CA LEU C 172 -17.92 31.14 -8.13
C LEU C 172 -18.52 31.81 -6.90
N GLY C 173 -17.99 31.54 -5.72
CA GLY C 173 -18.48 32.12 -4.49
C GLY C 173 -19.52 31.32 -3.77
N ASP C 174 -19.83 30.11 -4.24
CA ASP C 174 -20.78 29.25 -3.55
C ASP C 174 -20.12 28.59 -2.34
N ASP C 175 -20.96 28.18 -1.38
CA ASP C 175 -20.45 27.60 -0.14
C ASP C 175 -19.99 26.16 -0.29
N GLN C 176 -20.41 25.47 -1.35
CA GLN C 176 -19.99 24.11 -1.62
C GLN C 176 -20.19 23.81 -3.10
N SER C 177 -19.71 22.65 -3.52
CA SER C 177 -19.99 22.14 -4.85
C SER C 177 -21.25 21.32 -4.80
N GLU C 178 -22.08 21.46 -5.84
CA GLU C 178 -23.28 20.67 -5.98
C GLU C 178 -23.43 20.29 -7.44
N ILE C 179 -23.60 19.00 -7.70
CA ILE C 179 -23.83 18.47 -9.03
C ILE C 179 -25.20 17.77 -9.04
N ARG C 180 -26.03 18.11 -10.01
CA ARG C 180 -27.38 17.57 -10.15
C ARG C 180 -27.37 16.43 -11.14
N VAL C 181 -28.03 15.32 -10.79
CA VAL C 181 -28.14 14.15 -11.66
C VAL C 181 -29.61 13.83 -11.82
N ARG C 182 -30.10 13.85 -13.07
CA ARG C 182 -31.51 13.61 -13.38
C ARG C 182 -31.66 12.50 -14.42
N LEU C 183 -32.54 11.54 -14.11
CA LEU C 183 -32.83 10.44 -15.03
C LEU C 183 -33.82 10.87 -16.11
N LYS C 184 -33.45 10.66 -17.38
CA LYS C 184 -34.30 10.93 -18.53
C LYS C 184 -35.01 9.68 -19.04
N GLU C 185 -34.29 8.58 -19.18
CA GLU C 185 -34.95 7.34 -19.55
C GLU C 185 -34.00 6.19 -19.30
N TYR C 186 -34.57 5.04 -18.96
CA TYR C 186 -33.84 3.80 -18.94
C TYR C 186 -33.72 3.30 -20.37
N LEU C 187 -32.53 2.92 -20.78
CA LEU C 187 -32.30 2.56 -22.17
C LEU C 187 -32.54 1.07 -22.38
N ARG C 188 -32.60 0.68 -23.65
CA ARG C 188 -32.77 -0.71 -24.04
C ARG C 188 -31.55 -1.18 -24.84
N GLU C 189 -31.12 -2.41 -24.56
CA GLU C 189 -29.98 -3.02 -25.22
C GLU C 189 -30.10 -3.00 -26.75
N PHE D 20 -2.75 -11.45 -17.02
CA PHE D 20 -1.65 -12.26 -16.50
C PHE D 20 -1.45 -12.03 -15.01
N ASN D 21 -0.84 -12.99 -14.32
CA ASN D 21 -0.66 -12.93 -12.88
C ASN D 21 0.83 -12.94 -12.56
N LYS D 22 1.38 -11.76 -12.27
CA LYS D 22 2.78 -11.65 -11.85
C LYS D 22 3.01 -12.49 -10.59
N ILE D 23 4.10 -13.25 -10.59
CA ILE D 23 4.38 -14.13 -9.46
C ILE D 23 4.57 -13.29 -8.20
N GLU D 24 4.08 -13.80 -7.07
CA GLU D 24 4.26 -13.10 -5.80
C GLU D 24 5.70 -13.25 -5.30
N LYS D 25 6.13 -12.26 -4.50
CA LYS D 25 7.54 -12.23 -4.07
C LYS D 25 7.92 -13.52 -3.35
N ILE D 26 7.08 -14.01 -2.45
CA ILE D 26 7.47 -15.18 -1.68
C ILE D 26 7.62 -16.39 -2.60
N ASN D 27 6.85 -16.46 -3.69
CA ASN D 27 7.06 -17.59 -4.60
C ASN D 27 8.32 -17.42 -5.45
N SER D 28 8.63 -16.19 -5.90
CA SER D 28 9.87 -16.02 -6.65
C SER D 28 11.10 -16.24 -5.76
N GLU D 29 11.00 -15.91 -4.48
CA GLU D 29 12.09 -16.25 -3.57
C GLU D 29 12.27 -17.75 -3.42
N LEU D 30 11.17 -18.51 -3.32
CA LEU D 30 11.29 -19.95 -3.20
C LEU D 30 11.98 -20.54 -4.42
N LEU D 31 11.63 -20.04 -5.60
CA LEU D 31 12.29 -20.44 -6.83
C LEU D 31 13.75 -20.03 -6.81
N ALA D 32 14.04 -18.80 -6.38
CA ALA D 32 15.42 -18.33 -6.31
C ALA D 32 16.25 -19.21 -5.38
N MET D 33 15.68 -19.63 -4.25
CA MET D 33 16.44 -20.49 -3.33
C MET D 33 16.64 -21.89 -3.92
N THR D 34 15.64 -22.41 -4.62
CA THR D 34 15.78 -23.72 -5.25
C THR D 34 16.83 -23.68 -6.35
N TYR D 35 16.74 -22.68 -7.23
CA TYR D 35 17.74 -22.50 -8.27
C TYR D 35 19.11 -22.29 -7.64
N GLY D 36 19.17 -21.51 -6.56
CA GLY D 36 20.44 -21.32 -5.88
C GLY D 36 21.04 -22.64 -5.41
N SER D 37 20.20 -23.55 -4.91
CA SER D 37 20.70 -24.88 -4.55
C SER D 37 21.23 -25.60 -5.78
N LEU D 38 20.60 -25.38 -6.93
CA LEU D 38 21.10 -26.01 -8.15
C LEU D 38 22.49 -25.50 -8.47
N VAL D 39 22.66 -24.19 -8.53
CA VAL D 39 23.95 -23.61 -8.88
C VAL D 39 25.03 -24.03 -7.89
N THR D 40 24.70 -24.01 -6.59
CA THR D 40 25.67 -24.43 -5.57
C THR D 40 26.13 -25.86 -5.82
N GLN D 41 25.19 -26.74 -6.14
CA GLN D 41 25.56 -28.12 -6.43
C GLN D 41 26.44 -28.18 -7.67
N MET D 42 26.16 -27.35 -8.68
CA MET D 42 26.98 -27.34 -9.88
C MET D 42 28.39 -26.87 -9.57
N LEU D 43 28.51 -25.90 -8.65
CA LEU D 43 29.80 -25.36 -8.29
C LEU D 43 30.68 -26.38 -7.56
N LYS D 44 30.09 -27.36 -6.89
CA LYS D 44 30.88 -28.42 -6.27
C LYS D 44 31.49 -29.36 -7.30
N ASP D 45 30.73 -29.69 -8.36
CA ASP D 45 31.15 -30.73 -9.29
C ASP D 45 32.09 -30.24 -10.39
N TYR D 46 31.76 -29.12 -11.01
CA TYR D 46 32.50 -28.64 -12.17
C TYR D 46 33.55 -27.62 -11.73
N GLU D 47 34.80 -27.83 -12.15
CA GLU D 47 35.82 -26.81 -11.97
C GLU D 47 35.85 -25.81 -13.11
N ASP D 48 35.18 -26.09 -14.22
CA ASP D 48 35.25 -25.29 -15.44
C ASP D 48 33.96 -24.47 -15.53
N VAL D 49 34.06 -23.18 -15.20
CA VAL D 49 32.89 -22.31 -15.16
C VAL D 49 32.17 -22.27 -16.51
N ALA D 50 32.94 -22.33 -17.61
CA ALA D 50 32.30 -22.38 -18.92
C ALA D 50 31.39 -23.60 -19.06
N ALA D 51 31.82 -24.74 -18.54
CA ALA D 51 31.00 -25.94 -18.59
C ALA D 51 29.70 -25.74 -17.81
N ILE D 52 29.79 -25.06 -16.66
CA ILE D 52 28.61 -24.78 -15.85
C ILE D 52 27.65 -23.88 -16.61
N ASN D 53 28.17 -22.77 -17.15
CA ASN D 53 27.36 -21.87 -17.97
C ASN D 53 26.64 -22.67 -19.06
N THR D 54 27.38 -23.55 -19.73
CA THR D 54 26.82 -24.34 -20.81
C THR D 54 25.72 -25.28 -20.33
N GLN D 55 25.90 -25.92 -19.17
CA GLN D 55 24.88 -26.84 -18.66
C GLN D 55 23.67 -26.09 -18.16
N LEU D 56 23.86 -24.94 -17.51
CA LEU D 56 22.71 -24.15 -17.07
C LEU D 56 21.87 -23.71 -18.27
N GLU D 57 22.51 -23.27 -19.35
CA GLU D 57 21.76 -22.90 -20.54
C GLU D 57 21.06 -24.11 -21.13
N LYS D 58 21.71 -25.28 -21.10
CA LYS D 58 21.07 -26.48 -21.62
C LYS D 58 19.85 -26.86 -20.80
N MET D 59 19.94 -26.68 -19.48
CA MET D 59 18.78 -26.97 -18.63
C MET D 59 17.61 -26.05 -18.97
N GLY D 60 17.90 -24.76 -19.16
CA GLY D 60 16.85 -23.84 -19.54
C GLY D 60 16.26 -24.20 -20.89
N TYR D 61 17.13 -24.65 -21.81
CA TYR D 61 16.68 -25.03 -23.13
C TYR D 61 15.59 -26.11 -23.06
N LYS D 62 15.84 -27.17 -22.30
CA LYS D 62 14.81 -28.20 -22.17
C LYS D 62 13.55 -27.63 -21.53
N MET D 63 13.72 -26.72 -20.56
CA MET D 63 12.58 -26.11 -19.88
C MET D 63 11.74 -25.26 -20.82
N GLY D 64 12.37 -24.44 -21.66
CA GLY D 64 11.61 -23.56 -22.53
C GLY D 64 10.79 -24.30 -23.56
N MET D 65 11.29 -25.45 -24.03
CA MET D 65 10.50 -26.25 -24.95
C MET D 65 9.23 -26.77 -24.29
N ARG D 66 9.27 -27.05 -22.99
CA ARG D 66 8.10 -27.58 -22.27
C ARG D 66 7.15 -26.50 -21.76
N LEU D 67 7.63 -25.27 -21.52
CA LEU D 67 6.81 -24.22 -20.93
C LEU D 67 6.00 -23.45 -21.94
N ILE D 68 6.45 -23.44 -23.20
CA ILE D 68 5.94 -22.48 -24.18
C ILE D 68 4.44 -22.66 -24.39
N ASP D 69 3.96 -23.91 -24.42
CA ASP D 69 2.55 -24.13 -24.72
C ASP D 69 1.64 -23.62 -23.61
N GLU D 70 1.97 -23.94 -22.36
CA GLU D 70 1.17 -23.39 -21.26
C GLU D 70 1.28 -21.86 -21.23
N PHE D 71 2.47 -21.33 -21.53
CA PHE D 71 2.65 -19.88 -21.52
C PHE D 71 1.74 -19.20 -22.52
N MET D 72 1.62 -19.77 -23.72
CA MET D 72 0.77 -19.16 -24.75
C MET D 72 -0.64 -18.98 -24.25
N SER D 73 -1.19 -20.02 -23.61
CA SER D 73 -2.57 -19.94 -23.14
C SER D 73 -2.70 -19.02 -21.93
N LYS D 74 -1.81 -19.19 -20.94
CA LYS D 74 -1.95 -18.51 -19.66
C LYS D 74 -1.56 -17.04 -19.69
N SER D 75 -0.98 -16.55 -20.78
CA SER D 75 -0.58 -15.15 -20.82
C SER D 75 -1.71 -14.25 -21.29
N GLY D 76 -2.75 -14.80 -21.90
CA GLY D 76 -3.79 -13.97 -22.48
C GLY D 76 -3.38 -13.31 -23.78
N LEU D 77 -2.29 -13.78 -24.39
CA LEU D 77 -1.81 -13.20 -25.63
C LEU D 77 -2.64 -13.69 -26.79
N SER D 78 -2.71 -12.86 -27.83
CA SER D 78 -3.54 -13.18 -28.98
C SER D 78 -2.83 -14.19 -29.85
N SER D 79 -3.50 -14.58 -30.94
CA SER D 79 -2.89 -15.49 -31.89
C SER D 79 -1.65 -14.87 -32.53
N GLY D 80 -1.67 -13.55 -32.76
CA GLY D 80 -0.59 -12.81 -33.40
C GLY D 80 0.60 -12.43 -32.54
N ALA D 81 0.60 -12.74 -31.26
CA ALA D 81 1.65 -12.25 -30.38
C ALA D 81 3.04 -12.82 -30.67
N CYS D 82 3.14 -13.96 -31.36
CA CYS D 82 4.43 -14.60 -31.54
C CYS D 82 4.70 -14.99 -33.01
N ARG D 83 4.25 -14.20 -33.98
CA ARG D 83 4.51 -14.57 -35.36
C ARG D 83 5.86 -14.11 -35.90
N GLU D 84 6.31 -12.92 -35.55
CA GLU D 84 7.58 -12.41 -36.08
C GLU D 84 8.58 -12.23 -34.96
N PHE D 85 9.86 -12.31 -35.31
CA PHE D 85 10.92 -12.21 -34.31
C PHE D 85 10.83 -10.89 -33.54
N LYS D 86 10.57 -9.79 -34.25
CA LYS D 86 10.41 -8.49 -33.59
C LYS D 86 9.34 -8.54 -32.50
N ASP D 87 8.32 -9.40 -32.66
CA ASP D 87 7.25 -9.49 -31.68
C ASP D 87 7.69 -10.16 -30.40
N THR D 88 8.74 -10.99 -30.45
CA THR D 88 9.13 -11.74 -29.26
C THR D 88 9.68 -10.83 -28.18
N ALA D 89 10.19 -9.66 -28.54
CA ALA D 89 10.88 -8.82 -27.57
C ALA D 89 9.94 -8.41 -26.44
N GLU D 90 8.81 -7.78 -26.80
CA GLU D 90 7.86 -7.33 -25.79
C GLU D 90 7.24 -8.49 -25.05
N SER D 91 6.92 -9.59 -25.76
CA SER D 91 6.32 -10.72 -25.07
C SER D 91 7.24 -11.26 -23.98
N ILE D 92 8.54 -11.35 -24.25
CA ILE D 92 9.46 -11.88 -23.26
C ILE D 92 9.67 -10.86 -22.15
N ALA D 93 10.00 -9.61 -22.54
CA ALA D 93 10.37 -8.58 -21.58
C ALA D 93 9.18 -8.13 -20.74
N LYS D 94 8.01 -8.00 -21.33
CA LYS D 94 6.88 -7.39 -20.64
C LYS D 94 5.89 -8.39 -20.04
N VAL D 95 5.81 -9.63 -20.57
CA VAL D 95 4.89 -10.66 -20.07
C VAL D 95 5.64 -11.79 -19.37
N ALA D 96 6.53 -12.48 -20.10
CA ALA D 96 7.23 -13.62 -19.52
C ALA D 96 8.04 -13.21 -18.28
N PHE D 97 8.83 -12.14 -18.39
CA PHE D 97 9.67 -11.72 -17.26
C PHE D 97 8.84 -11.35 -16.04
N LYS D 98 7.68 -10.71 -16.24
CA LYS D 98 6.85 -10.39 -15.09
C LYS D 98 6.18 -11.64 -14.52
N MET D 99 5.70 -12.52 -15.40
CA MET D 99 4.92 -13.69 -14.97
C MET D 99 5.79 -14.69 -14.20
N PHE D 100 7.02 -14.89 -14.62
CA PHE D 100 7.85 -15.93 -14.04
C PHE D 100 8.78 -15.45 -12.94
N LEU D 101 9.27 -14.21 -13.03
CA LEU D 101 10.23 -13.67 -12.08
C LEU D 101 9.76 -12.40 -11.39
N GLY D 102 8.60 -11.87 -11.75
CA GLY D 102 8.19 -10.60 -11.19
C GLY D 102 9.07 -9.44 -11.62
N ILE D 103 9.81 -9.60 -12.72
CA ILE D 103 10.82 -8.62 -13.12
C ILE D 103 10.21 -7.63 -14.09
N ASN D 104 10.59 -6.36 -13.93
CA ASN D 104 10.33 -5.35 -14.93
C ASN D 104 11.54 -5.25 -15.85
N ALA D 105 11.34 -5.54 -17.14
CA ALA D 105 12.43 -5.48 -18.10
C ALA D 105 12.05 -4.56 -19.26
N ASN D 106 13.06 -4.07 -20.00
CA ASN D 106 12.88 -3.19 -21.14
C ASN D 106 13.59 -3.78 -22.35
N VAL D 107 13.16 -3.36 -23.54
CA VAL D 107 13.81 -3.76 -24.77
C VAL D 107 14.57 -2.57 -25.32
N THR D 108 15.84 -2.76 -25.64
CA THR D 108 16.66 -1.69 -26.19
C THR D 108 17.71 -2.31 -27.11
N ASN D 109 18.54 -1.43 -27.71
CA ASN D 109 19.66 -1.85 -28.56
C ASN D 109 19.19 -2.71 -29.73
N TRP D 110 18.16 -2.26 -30.41
CA TRP D 110 17.74 -2.93 -31.62
C TRP D 110 18.83 -2.82 -32.68
N SER D 111 19.01 -3.89 -33.46
CA SER D 111 19.93 -3.83 -34.59
C SER D 111 19.26 -3.13 -35.78
N LYS D 112 20.08 -2.74 -36.76
CA LYS D 112 19.53 -2.05 -37.93
C LYS D 112 18.49 -2.90 -38.64
N ASP D 113 18.80 -4.18 -38.88
CA ASP D 113 17.87 -5.09 -39.56
C ASP D 113 16.86 -5.73 -38.60
N GLN D 114 16.84 -5.32 -37.34
CA GLN D 114 15.88 -5.80 -36.33
C GLN D 114 15.96 -7.31 -36.10
N THR D 115 17.12 -7.91 -36.32
CA THR D 115 17.31 -9.31 -36.00
C THR D 115 18.00 -9.53 -34.65
N GLU D 116 18.32 -8.46 -33.94
CA GLU D 116 18.94 -8.56 -32.63
C GLU D 116 18.34 -7.51 -31.73
N TYR D 117 18.13 -7.87 -30.46
CA TYR D 117 17.73 -6.89 -29.47
C TYR D 117 18.25 -7.35 -28.11
N SER D 118 18.25 -6.40 -27.17
CA SER D 118 18.66 -6.67 -25.81
C SER D 118 17.49 -6.49 -24.86
N ILE D 119 17.52 -7.26 -23.78
CA ILE D 119 16.60 -7.17 -22.67
C ILE D 119 17.38 -6.67 -21.46
N VAL D 120 17.03 -5.49 -20.95
CA VAL D 120 17.74 -4.92 -19.80
C VAL D 120 16.82 -4.90 -18.59
N PHE D 121 17.38 -5.21 -17.41
CA PHE D 121 16.60 -5.22 -16.17
C PHE D 121 17.51 -4.93 -14.98
N ASP D 122 17.00 -4.14 -14.01
CA ASP D 122 17.79 -3.68 -12.89
C ASP D 122 17.77 -4.64 -11.72
N GLU D 123 16.74 -5.45 -11.59
CA GLU D 123 16.62 -6.35 -10.46
C GLU D 123 16.36 -7.75 -10.98
N ASN D 124 16.83 -8.73 -10.24
CA ASN D 124 16.65 -10.12 -10.62
C ASN D 124 16.54 -10.92 -9.33
N PRO D 125 15.36 -11.49 -9.03
CA PRO D 125 15.20 -12.21 -7.76
C PRO D 125 16.13 -13.39 -7.62
N LEU D 126 16.60 -13.96 -8.73
CA LEU D 126 17.57 -15.05 -8.65
C LEU D 126 18.87 -14.58 -7.99
N ASN D 127 19.20 -13.29 -8.10
CA ASN D 127 20.45 -12.74 -7.55
C ASN D 127 20.39 -12.38 -6.07
N ASP D 128 19.21 -12.38 -5.43
CA ASP D 128 19.08 -11.94 -4.04
C ASP D 128 20.02 -12.71 -3.13
N PHE D 129 20.80 -11.96 -2.34
CA PHE D 129 21.70 -12.52 -1.34
C PHE D 129 22.81 -13.38 -1.94
N VAL D 130 23.05 -13.28 -3.25
CA VAL D 130 24.07 -14.09 -3.91
C VAL D 130 25.36 -13.31 -3.99
N GLU D 131 26.47 -13.95 -3.64
CA GLU D 131 27.78 -13.34 -3.67
C GLU D 131 28.74 -14.28 -4.37
N LEU D 132 29.28 -13.86 -5.51
CA LEU D 132 30.22 -14.76 -6.15
C LEU D 132 31.62 -14.54 -5.56
N PRO D 133 32.36 -15.62 -5.28
CA PRO D 133 33.76 -15.44 -4.87
C PRO D 133 34.56 -14.78 -5.98
N GLU D 134 35.61 -14.06 -5.58
CA GLU D 134 36.40 -13.28 -6.54
C GLU D 134 36.89 -14.11 -7.73
N PRO D 135 37.45 -15.32 -7.55
CA PRO D 135 37.87 -16.11 -8.72
C PRO D 135 36.71 -16.49 -9.62
N ILE D 136 35.54 -16.73 -9.03
CA ILE D 136 34.36 -17.03 -9.83
C ILE D 136 33.94 -15.80 -10.63
N LYS D 137 34.08 -14.62 -10.03
CA LYS D 137 33.76 -13.38 -10.75
C LYS D 137 34.65 -13.21 -11.98
N GLN D 138 35.96 -13.42 -11.81
CA GLN D 138 36.90 -13.20 -12.90
C GLN D 138 36.64 -14.15 -14.07
N LYS D 139 36.23 -15.39 -13.78
CA LYS D 139 35.92 -16.34 -14.84
C LYS D 139 34.54 -16.10 -15.47
N ARG D 140 33.80 -15.11 -14.96
CA ARG D 140 32.51 -14.67 -15.51
C ARG D 140 31.50 -15.81 -15.62
N LEU D 141 31.24 -16.44 -14.48
CA LEU D 141 30.04 -17.25 -14.33
C LEU D 141 28.82 -16.39 -14.57
N TYR D 142 27.88 -16.92 -15.34
CA TYR D 142 26.58 -16.25 -15.52
C TYR D 142 25.55 -17.02 -14.69
N TYR D 143 25.42 -16.60 -13.43
CA TYR D 143 24.61 -17.28 -12.43
C TYR D 143 23.21 -17.62 -12.94
N SER D 144 22.60 -16.72 -13.70
CA SER D 144 21.23 -16.87 -14.21
C SER D 144 21.20 -17.34 -15.65
N ASN D 145 22.23 -18.06 -16.11
CA ASN D 145 22.32 -18.41 -17.52
C ASN D 145 21.16 -19.33 -17.95
N ILE D 146 20.52 -20.01 -17.00
CA ILE D 146 19.34 -20.82 -17.31
C ILE D 146 18.31 -20.00 -18.07
N ILE D 147 18.24 -18.68 -17.83
CA ILE D 147 17.24 -17.85 -18.53
C ILE D 147 17.50 -17.84 -20.04
N CYS D 148 18.76 -17.77 -20.45
CA CYS D 148 19.06 -17.77 -21.88
C CYS D 148 18.58 -19.06 -22.54
N GLY D 149 18.75 -20.20 -21.86
CA GLY D 149 18.25 -21.45 -22.42
C GLY D 149 16.74 -21.46 -22.53
N VAL D 150 16.04 -20.95 -21.51
CA VAL D 150 14.58 -20.90 -21.59
C VAL D 150 14.15 -20.06 -22.78
N ILE D 151 14.83 -18.93 -23.02
CA ILE D 151 14.50 -18.10 -24.18
C ILE D 151 14.74 -18.87 -25.46
N ARG D 152 15.92 -19.51 -25.56
CA ARG D 152 16.27 -20.22 -26.80
C ARG D 152 15.31 -21.37 -27.06
N GLY D 153 14.99 -22.16 -26.04
CA GLY D 153 14.16 -23.33 -26.25
C GLY D 153 12.73 -22.98 -26.60
N ALA D 154 12.18 -21.96 -25.94
CA ALA D 154 10.82 -21.55 -26.23
C ALA D 154 10.70 -21.04 -27.66
N LEU D 155 11.65 -20.21 -28.10
CA LEU D 155 11.54 -19.64 -29.43
C LEU D 155 11.71 -20.67 -30.53
N GLU D 156 12.46 -21.75 -30.27
CA GLU D 156 12.54 -22.83 -31.25
C GLU D 156 11.17 -23.44 -31.49
N MET D 157 10.35 -23.53 -30.44
CA MET D 157 9.02 -24.11 -30.60
C MET D 157 8.11 -23.24 -31.44
N VAL D 158 8.37 -21.94 -31.51
CA VAL D 158 7.62 -21.07 -32.43
C VAL D 158 8.48 -20.80 -33.65
N LEU D 159 9.34 -21.77 -33.99
CA LEU D 159 9.98 -21.84 -35.31
C LEU D 159 10.99 -20.72 -35.53
N MET D 160 11.72 -20.36 -34.47
CA MET D 160 12.80 -19.38 -34.57
C MET D 160 14.06 -19.96 -33.98
N ARG D 161 15.12 -20.02 -34.78
CA ARG D 161 16.44 -20.38 -34.28
C ARG D 161 17.09 -19.10 -33.81
N VAL D 162 17.34 -19.00 -32.52
CA VAL D 162 17.88 -17.78 -31.97
C VAL D 162 19.16 -18.13 -31.22
N GLU D 163 20.01 -17.13 -31.08
CA GLU D 163 21.15 -17.19 -30.18
C GLU D 163 20.86 -16.21 -29.06
N CYS D 164 21.14 -16.63 -27.83
CA CYS D 164 20.76 -15.85 -26.67
C CYS D 164 21.83 -15.98 -25.60
N GLU D 165 22.49 -14.86 -25.28
CA GLU D 165 23.55 -14.91 -24.29
C GLU D 165 23.51 -13.69 -23.39
N TYR D 166 24.00 -13.87 -22.18
CA TYR D 166 24.16 -12.79 -21.23
C TYR D 166 25.29 -11.88 -21.67
N LYS D 167 25.09 -10.58 -21.52
CA LYS D 167 26.13 -9.60 -21.79
C LYS D 167 26.56 -8.85 -20.53
N LYS D 168 25.66 -8.59 -19.60
CA LYS D 168 25.95 -7.86 -18.36
C LYS D 168 25.18 -8.50 -17.21
N CYS D 169 25.81 -8.57 -16.04
CA CYS D 169 25.17 -9.06 -14.80
C CYS D 169 25.78 -8.32 -13.61
N PRO D 170 24.97 -7.75 -12.72
CA PRO D 170 25.54 -7.01 -11.58
C PRO D 170 26.42 -7.84 -10.66
N LEU D 171 26.23 -9.17 -10.59
CA LEU D 171 27.12 -9.98 -9.77
C LEU D 171 28.56 -9.89 -10.25
N LEU D 172 28.76 -9.49 -11.50
CA LEU D 172 30.08 -9.29 -12.08
C LEU D 172 30.49 -7.82 -12.07
N GLY D 173 29.76 -7.00 -11.31
CA GLY D 173 30.07 -5.59 -11.16
C GLY D 173 29.41 -4.66 -12.14
N ASP D 174 28.53 -5.17 -13.01
CA ASP D 174 27.85 -4.33 -13.96
C ASP D 174 26.68 -3.59 -13.31
N ASP D 175 26.27 -2.49 -13.95
CA ASP D 175 25.19 -1.67 -13.39
C ASP D 175 23.82 -2.30 -13.55
N GLN D 176 23.63 -3.18 -14.53
CA GLN D 176 22.35 -3.86 -14.69
C GLN D 176 22.58 -5.14 -15.47
N SER D 177 21.52 -5.94 -15.56
CA SER D 177 21.53 -7.17 -16.35
C SER D 177 21.18 -6.85 -17.80
N GLU D 178 21.86 -7.50 -18.73
CA GLU D 178 21.51 -7.40 -20.13
C GLU D 178 21.66 -8.78 -20.78
N ILE D 179 20.62 -9.20 -21.48
CA ILE D 179 20.61 -10.45 -22.23
C ILE D 179 20.41 -10.11 -23.71
N ARG D 180 21.25 -10.69 -24.56
CA ARG D 180 21.18 -10.45 -26.00
C ARG D 180 20.38 -11.56 -26.68
N VAL D 181 19.51 -11.17 -27.61
CA VAL D 181 18.70 -12.11 -28.38
C VAL D 181 18.97 -11.85 -29.86
N ARG D 182 19.39 -12.90 -30.57
CA ARG D 182 19.71 -12.76 -31.99
C ARG D 182 19.05 -13.86 -32.81
N LEU D 183 18.33 -13.47 -33.85
CA LEU D 183 17.68 -14.41 -34.73
C LEU D 183 18.68 -14.94 -35.75
N LYS D 184 18.78 -16.26 -35.86
CA LYS D 184 19.65 -16.88 -36.84
C LYS D 184 18.90 -17.35 -38.09
N GLU D 185 17.75 -17.98 -37.90
CA GLU D 185 16.97 -18.47 -39.01
C GLU D 185 15.54 -18.73 -38.56
N TYR D 186 14.60 -18.48 -39.46
CA TYR D 186 13.23 -18.92 -39.28
C TYR D 186 13.13 -20.39 -39.67
N LEU D 187 12.56 -21.19 -38.79
CA LEU D 187 12.45 -22.63 -38.98
C LEU D 187 11.17 -22.94 -39.74
N ARG D 188 11.23 -23.99 -40.57
CA ARG D 188 10.06 -24.47 -41.28
C ARG D 188 9.78 -25.89 -40.82
N GLU D 189 8.54 -26.16 -40.45
CA GLU D 189 8.13 -27.48 -39.99
C GLU D 189 7.51 -28.29 -41.14
N LYS E 22 -2.25 13.82 9.75
CA LYS E 22 -3.34 12.94 10.17
C LYS E 22 -2.83 11.83 11.10
N ILE E 23 -3.54 11.63 12.20
CA ILE E 23 -3.21 10.54 13.13
C ILE E 23 -3.26 9.19 12.39
N GLU E 24 -2.54 8.21 12.93
CA GLU E 24 -2.50 6.88 12.33
C GLU E 24 -3.59 5.99 12.93
N LYS E 25 -4.04 5.01 12.14
CA LYS E 25 -5.18 4.18 12.52
C LYS E 25 -4.96 3.49 13.87
N ILE E 26 -3.77 2.92 14.09
CA ILE E 26 -3.58 2.20 15.34
C ILE E 26 -3.62 3.15 16.54
N ASN E 27 -3.17 4.41 16.36
CA ASN E 27 -3.28 5.38 17.45
C ASN E 27 -4.72 5.82 17.65
N SER E 28 -5.48 6.02 16.56
CA SER E 28 -6.89 6.33 16.75
C SER E 28 -7.63 5.13 17.33
N GLU E 29 -7.19 3.91 17.05
CA GLU E 29 -7.78 2.74 17.70
C GLU E 29 -7.51 2.75 19.21
N LEU E 30 -6.29 3.08 19.62
CA LEU E 30 -5.96 3.14 21.04
C LEU E 30 -6.79 4.22 21.74
N LEU E 31 -6.94 5.38 21.10
CA LEU E 31 -7.79 6.44 21.64
C LEU E 31 -9.26 6.00 21.73
N ALA E 32 -9.79 5.37 20.68
CA ALA E 32 -11.18 4.91 20.72
C ALA E 32 -11.41 3.90 21.85
N MET E 33 -10.45 3.02 22.09
CA MET E 33 -10.63 2.04 23.16
C MET E 33 -10.54 2.68 24.53
N THR E 34 -9.62 3.65 24.68
CA THR E 34 -9.49 4.38 25.94
C THR E 34 -10.78 5.11 26.23
N TYR E 35 -11.26 5.84 25.23
CA TYR E 35 -12.55 6.50 25.34
C TYR E 35 -13.67 5.51 25.61
N GLY E 36 -13.67 4.36 24.90
CA GLY E 36 -14.71 3.37 25.11
C GLY E 36 -14.74 2.83 26.53
N SER E 37 -13.55 2.65 27.13
CA SER E 37 -13.45 2.22 28.52
C SER E 37 -14.08 3.25 29.45
N LEU E 38 -13.92 4.53 29.15
CA LEU E 38 -14.54 5.60 29.95
C LEU E 38 -16.06 5.53 29.85
N VAL E 39 -16.57 5.48 28.61
CA VAL E 39 -18.01 5.41 28.40
C VAL E 39 -18.58 4.16 29.04
N THR E 40 -17.88 3.03 28.89
CA THR E 40 -18.32 1.80 29.53
C THR E 40 -18.38 1.97 31.04
N GLN E 41 -17.36 2.61 31.63
CA GLN E 41 -17.40 2.82 33.07
C GLN E 41 -18.57 3.71 33.46
N MET E 42 -18.87 4.74 32.65
CA MET E 42 -20.00 5.62 32.97
C MET E 42 -21.33 4.90 32.86
N LEU E 43 -21.47 3.97 31.91
CA LEU E 43 -22.73 3.24 31.75
C LEU E 43 -23.02 2.37 32.97
N LYS E 44 -21.99 1.96 33.71
CA LYS E 44 -22.22 1.24 34.95
C LYS E 44 -22.77 2.16 36.03
N ASP E 45 -22.34 3.42 36.05
CA ASP E 45 -22.65 4.31 37.17
C ASP E 45 -24.01 4.99 37.05
N TYR E 46 -24.36 5.51 35.87
CA TYR E 46 -25.50 6.40 35.72
C TYR E 46 -26.68 5.66 35.10
N GLU E 47 -27.86 5.81 35.70
CA GLU E 47 -29.09 5.32 35.09
C GLU E 47 -29.71 6.30 34.11
N ASP E 48 -29.24 7.55 34.08
CA ASP E 48 -29.85 8.62 33.28
C ASP E 48 -28.94 8.91 32.08
N VAL E 49 -29.36 8.45 30.90
CA VAL E 49 -28.59 8.65 29.68
C VAL E 49 -28.39 10.13 29.38
N ALA E 50 -29.40 10.95 29.65
CA ALA E 50 -29.24 12.39 29.46
C ALA E 50 -28.08 12.92 30.31
N ALA E 51 -27.95 12.42 31.54
CA ALA E 51 -26.85 12.83 32.42
C ALA E 51 -25.51 12.41 31.86
N ILE E 52 -25.44 11.24 31.22
CA ILE E 52 -24.19 10.79 30.60
C ILE E 52 -23.79 11.72 29.46
N ASN E 53 -24.73 12.01 28.56
CA ASN E 53 -24.48 12.97 27.47
C ASN E 53 -23.92 14.28 27.99
N THR E 54 -24.53 14.83 29.03
CA THR E 54 -24.08 16.11 29.57
C THR E 54 -22.66 16.02 30.12
N GLN E 55 -22.34 14.90 30.79
CA GLN E 55 -21.02 14.76 31.40
C GLN E 55 -19.93 14.55 30.36
N LEU E 56 -20.25 13.85 29.27
CA LEU E 56 -19.28 13.69 28.19
C LEU E 56 -19.02 15.03 27.52
N GLU E 57 -20.06 15.82 27.31
CA GLU E 57 -19.87 17.14 26.72
C GLU E 57 -19.04 18.04 27.64
N LYS E 58 -19.27 17.97 28.96
CA LYS E 58 -18.46 18.79 29.87
C LYS E 58 -17.00 18.34 29.88
N MET E 59 -16.74 17.03 29.79
CA MET E 59 -15.37 16.54 29.73
C MET E 59 -14.65 17.09 28.50
N GLY E 60 -15.32 17.06 27.35
CA GLY E 60 -14.71 17.62 26.14
C GLY E 60 -14.53 19.12 26.22
N TYR E 61 -15.47 19.80 26.88
CA TYR E 61 -15.36 21.23 27.07
C TYR E 61 -14.05 21.59 27.74
N LYS E 62 -13.70 20.89 28.81
CA LYS E 62 -12.43 21.12 29.50
C LYS E 62 -11.26 20.80 28.58
N MET E 63 -11.38 19.73 27.79
CA MET E 63 -10.30 19.36 26.89
C MET E 63 -10.10 20.40 25.80
N GLY E 64 -11.19 20.93 25.25
CA GLY E 64 -11.09 21.90 24.17
C GLY E 64 -10.45 23.20 24.60
N MET E 65 -10.68 23.62 25.84
CA MET E 65 -9.99 24.81 26.33
C MET E 65 -8.49 24.58 26.39
N ARG E 66 -8.05 23.36 26.68
CA ARG E 66 -6.63 23.10 26.81
C ARG E 66 -5.95 22.79 25.48
N LEU E 67 -6.66 22.26 24.49
CA LEU E 67 -5.99 21.85 23.25
C LEU E 67 -5.79 22.98 22.26
N ILE E 68 -6.62 24.03 22.34
CA ILE E 68 -6.70 25.00 21.25
C ILE E 68 -5.35 25.64 20.98
N ASP E 69 -4.58 25.93 22.04
CA ASP E 69 -3.30 26.62 21.83
C ASP E 69 -2.31 25.70 21.12
N GLU E 70 -2.17 24.45 21.57
CA GLU E 70 -1.29 23.51 20.88
C GLU E 70 -1.79 23.25 19.46
N PHE E 71 -3.11 23.18 19.27
CA PHE E 71 -3.66 22.97 17.93
C PHE E 71 -3.31 24.12 17.01
N MET E 72 -3.44 25.36 17.49
CA MET E 72 -3.12 26.50 16.64
C MET E 72 -1.68 26.44 16.15
N SER E 73 -0.75 26.13 17.06
CA SER E 73 0.67 26.10 16.71
C SER E 73 1.02 24.87 15.88
N LYS E 74 0.57 23.68 16.30
CA LYS E 74 0.97 22.44 15.66
C LYS E 74 0.25 22.16 14.35
N SER E 75 -0.78 22.93 13.99
CA SER E 75 -1.53 22.70 12.76
C SER E 75 -0.94 23.39 11.53
N GLY E 76 -0.08 24.40 11.72
CA GLY E 76 0.40 25.19 10.61
C GLY E 76 -0.58 26.19 10.05
N LEU E 77 -1.66 26.49 10.77
CA LEU E 77 -2.64 27.46 10.33
C LEU E 77 -2.13 28.88 10.63
N SER E 78 -2.60 29.83 9.84
CA SER E 78 -2.07 31.19 9.90
C SER E 78 -2.64 31.93 11.10
N SER E 79 -2.18 33.17 11.26
CA SER E 79 -2.66 34.03 12.34
C SER E 79 -4.15 34.32 12.20
N GLY E 80 -4.63 34.42 10.96
CA GLY E 80 -6.02 34.70 10.62
C GLY E 80 -6.98 33.53 10.62
N ALA E 81 -6.53 32.30 10.89
CA ALA E 81 -7.40 31.15 10.65
C ALA E 81 -8.65 31.09 11.54
N CYS E 82 -8.66 31.77 12.70
CA CYS E 82 -9.81 31.62 13.59
C CYS E 82 -10.41 32.95 14.04
N ARG E 83 -10.43 33.96 13.18
CA ARG E 83 -11.05 35.23 13.55
C ARG E 83 -12.54 35.29 13.27
N GLU E 84 -13.02 34.62 12.23
CA GLU E 84 -14.41 34.69 11.82
C GLU E 84 -15.05 33.35 12.10
N PHE E 85 -16.34 33.37 12.46
CA PHE E 85 -17.02 32.12 12.77
C PHE E 85 -17.10 31.20 11.56
N LYS E 86 -17.49 31.76 10.40
CA LYS E 86 -17.61 30.94 9.19
C LYS E 86 -16.31 30.24 8.84
N ASP E 87 -15.17 30.80 9.23
CA ASP E 87 -13.89 30.14 8.95
C ASP E 87 -13.63 28.94 9.85
N THR E 88 -14.29 28.85 11.01
CA THR E 88 -14.02 27.72 11.90
C THR E 88 -14.45 26.40 11.27
N ALA E 89 -15.39 26.45 10.31
CA ALA E 89 -15.92 25.22 9.72
C ALA E 89 -14.83 24.43 9.03
N GLU E 90 -14.05 25.08 8.16
CA GLU E 90 -12.99 24.37 7.45
C GLU E 90 -11.92 23.87 8.43
N SER E 91 -11.53 24.69 9.41
CA SER E 91 -10.49 24.27 10.34
C SER E 91 -10.91 23.04 11.14
N ILE E 92 -12.16 23.01 11.60
CA ILE E 92 -12.60 21.83 12.35
C ILE E 92 -12.76 20.63 11.41
N ALA E 93 -13.51 20.81 10.33
CA ALA E 93 -13.87 19.66 9.50
C ALA E 93 -12.67 19.05 8.79
N LYS E 94 -11.79 19.90 8.24
CA LYS E 94 -10.72 19.43 7.37
C LYS E 94 -9.38 19.27 8.05
N VAL E 95 -9.10 20.01 9.12
CA VAL E 95 -7.82 19.94 9.81
C VAL E 95 -7.95 19.21 11.12
N ALA E 96 -8.80 19.72 12.04
CA ALA E 96 -8.92 19.11 13.36
C ALA E 96 -9.37 17.66 13.26
N PHE E 97 -10.45 17.39 12.51
CA PHE E 97 -10.98 16.03 12.46
C PHE E 97 -9.97 15.05 11.87
N LYS E 98 -9.24 15.47 10.83
CA LYS E 98 -8.23 14.60 10.22
C LYS E 98 -7.06 14.40 11.17
N MET E 99 -6.65 15.46 11.87
CA MET E 99 -5.47 15.39 12.73
C MET E 99 -5.73 14.52 13.95
N PHE E 100 -6.90 14.61 14.58
CA PHE E 100 -7.13 13.94 15.85
C PHE E 100 -7.77 12.56 15.71
N LEU E 101 -8.64 12.36 14.71
CA LEU E 101 -9.37 11.11 14.56
C LEU E 101 -9.16 10.41 13.24
N GLY E 102 -8.44 11.04 12.29
CA GLY E 102 -8.31 10.44 10.98
C GLY E 102 -9.58 10.44 10.17
N ILE E 103 -10.52 11.30 10.49
CA ILE E 103 -11.84 11.32 9.87
C ILE E 103 -11.85 12.31 8.71
N ASN E 104 -12.52 11.93 7.62
CA ASN E 104 -12.87 12.88 6.57
C ASN E 104 -14.28 13.40 6.87
N ALA E 105 -14.38 14.70 7.06
CA ALA E 105 -15.65 15.35 7.35
C ALA E 105 -15.89 16.44 6.33
N ASN E 106 -17.15 16.84 6.20
CA ASN E 106 -17.55 17.89 5.27
C ASN E 106 -18.37 18.92 6.04
N VAL E 107 -18.41 20.13 5.50
CA VAL E 107 -19.21 21.23 6.02
C VAL E 107 -20.40 21.41 5.10
N THR E 108 -21.60 21.50 5.68
CA THR E 108 -22.79 21.71 4.85
C THR E 108 -23.89 22.37 5.68
N ASN E 109 -25.04 22.58 5.03
CA ASN E 109 -26.25 23.09 5.68
C ASN E 109 -25.99 24.42 6.37
N TRP E 110 -25.30 25.32 5.68
CA TRP E 110 -25.05 26.65 6.19
C TRP E 110 -26.38 27.39 6.39
N SER E 111 -26.47 28.20 7.44
CA SER E 111 -27.66 29.02 7.57
C SER E 111 -27.56 30.24 6.66
N LYS E 112 -28.71 30.88 6.40
CA LYS E 112 -28.72 32.03 5.50
C LYS E 112 -27.75 33.10 5.99
N ASP E 113 -27.75 33.37 7.28
CA ASP E 113 -26.82 34.33 7.86
C ASP E 113 -25.44 33.73 8.14
N GLN E 114 -25.21 32.48 7.76
CA GLN E 114 -23.91 31.83 7.93
C GLN E 114 -23.47 31.81 9.39
N THR E 115 -24.42 31.76 10.33
CA THR E 115 -24.11 31.59 11.75
C THR E 115 -24.29 30.16 12.23
N GLU E 116 -24.67 29.24 11.33
CA GLU E 116 -24.87 27.83 11.68
C GLU E 116 -24.34 26.96 10.55
N TYR E 117 -23.71 25.84 10.93
CA TYR E 117 -23.30 24.86 9.93
C TYR E 117 -23.30 23.48 10.56
N SER E 118 -23.28 22.47 9.69
CA SER E 118 -23.21 21.08 10.12
C SER E 118 -21.90 20.46 9.68
N ILE E 119 -21.41 19.52 10.48
CA ILE E 119 -20.24 18.71 10.13
C ILE E 119 -20.74 17.30 9.91
N VAL E 120 -20.61 16.79 8.69
CA VAL E 120 -21.06 15.44 8.38
C VAL E 120 -19.85 14.56 8.10
N PHE E 121 -19.91 13.31 8.55
CA PHE E 121 -18.85 12.33 8.34
C PHE E 121 -19.46 10.93 8.36
N ASP E 122 -18.92 10.05 7.51
CA ASP E 122 -19.43 8.70 7.37
C ASP E 122 -18.77 7.72 8.32
N GLU E 123 -17.54 7.99 8.75
CA GLU E 123 -16.85 7.06 9.63
C GLU E 123 -16.33 7.80 10.85
N ASN E 124 -16.28 7.09 11.95
CA ASN E 124 -15.81 7.61 13.23
C ASN E 124 -15.12 6.47 13.96
N PRO E 125 -13.80 6.53 14.12
CA PRO E 125 -13.09 5.41 14.75
C PRO E 125 -13.52 5.16 16.18
N LEU E 126 -14.09 6.16 16.85
CA LEU E 126 -14.61 5.93 18.19
C LEU E 126 -15.75 4.91 18.19
N ASN E 127 -16.50 4.82 17.09
CA ASN E 127 -17.63 3.91 16.97
C ASN E 127 -17.22 2.48 16.66
N ASP E 128 -15.95 2.25 16.31
CA ASP E 128 -15.53 0.93 15.87
C ASP E 128 -15.89 -0.15 16.89
N PHE E 129 -16.55 -1.20 16.40
CA PHE E 129 -16.91 -2.37 17.20
C PHE E 129 -17.86 -2.03 18.34
N VAL E 130 -18.51 -0.87 18.32
CA VAL E 130 -19.39 -0.46 19.41
C VAL E 130 -20.83 -0.80 19.04
N GLU E 131 -21.55 -1.40 19.99
CA GLU E 131 -22.96 -1.74 19.80
C GLU E 131 -23.72 -1.25 21.03
N LEU E 132 -24.64 -0.31 20.82
CA LEU E 132 -25.39 0.13 21.98
C LEU E 132 -26.57 -0.81 22.21
N PRO E 133 -26.81 -1.19 23.46
CA PRO E 133 -28.02 -1.97 23.78
C PRO E 133 -29.28 -1.17 23.44
N GLU E 134 -30.34 -1.89 23.12
CA GLU E 134 -31.56 -1.26 22.64
C GLU E 134 -32.13 -0.17 23.57
N PRO E 135 -32.24 -0.36 24.89
CA PRO E 135 -32.75 0.75 25.73
C PRO E 135 -31.84 1.96 25.74
N ILE E 136 -30.53 1.77 25.72
CA ILE E 136 -29.62 2.91 25.66
C ILE E 136 -29.76 3.61 24.32
N LYS E 137 -29.90 2.82 23.26
CA LYS E 137 -30.10 3.36 21.91
C LYS E 137 -31.40 4.15 21.82
N GLN E 138 -32.47 3.63 22.45
CA GLN E 138 -33.77 4.31 22.39
C GLN E 138 -33.73 5.68 23.07
N LYS E 139 -32.96 5.81 24.15
CA LYS E 139 -32.80 7.08 24.85
C LYS E 139 -31.84 8.05 24.14
N ARG E 140 -31.26 7.65 23.02
CA ARG E 140 -30.40 8.49 22.18
C ARG E 140 -29.18 9.02 22.96
N LEU E 141 -28.43 8.09 23.53
CA LEU E 141 -27.08 8.41 23.96
C LEU E 141 -26.26 8.86 22.74
N TYR E 142 -25.49 9.91 22.94
CA TYR E 142 -24.57 10.33 21.91
C TYR E 142 -23.17 9.88 22.34
N TYR E 143 -22.82 8.65 21.92
CA TYR E 143 -21.59 7.99 22.35
C TYR E 143 -20.38 8.89 22.23
N SER E 144 -20.32 9.72 21.18
CA SER E 144 -19.21 10.62 20.94
C SER E 144 -19.52 12.04 21.38
N ASN E 145 -20.38 12.22 22.39
CA ASN E 145 -20.76 13.59 22.71
C ASN E 145 -19.58 14.45 23.15
N ILE E 146 -18.46 13.81 23.55
CA ILE E 146 -17.25 14.52 23.94
C ILE E 146 -16.77 15.48 22.85
N ILE E 147 -17.03 15.14 21.58
CA ILE E 147 -16.58 16.00 20.50
C ILE E 147 -17.28 17.35 20.56
N CYS E 148 -18.57 17.37 20.87
CA CYS E 148 -19.29 18.64 20.90
C CYS E 148 -18.67 19.57 21.92
N GLY E 149 -18.27 19.03 23.07
CA GLY E 149 -17.63 19.84 24.09
C GLY E 149 -16.27 20.37 23.66
N VAL E 150 -15.47 19.52 23.00
CA VAL E 150 -14.16 19.99 22.52
C VAL E 150 -14.34 21.19 21.62
N ILE E 151 -15.34 21.14 20.73
CA ILE E 151 -15.60 22.26 19.82
C ILE E 151 -16.03 23.48 20.61
N ARG E 152 -16.95 23.31 21.56
CA ARG E 152 -17.45 24.45 22.32
C ARG E 152 -16.35 25.10 23.13
N GLY E 153 -15.55 24.29 23.82
CA GLY E 153 -14.50 24.85 24.67
C GLY E 153 -13.40 25.51 23.86
N ALA E 154 -13.03 24.89 22.75
CA ALA E 154 -12.00 25.48 21.90
C ALA E 154 -12.47 26.79 21.29
N LEU E 155 -13.70 26.85 20.79
CA LEU E 155 -14.15 28.09 20.16
C LEU E 155 -14.33 29.19 21.19
N GLU E 156 -14.64 28.84 22.44
CA GLU E 156 -14.68 29.85 23.48
C GLU E 156 -13.32 30.53 23.62
N MET E 157 -12.25 29.74 23.47
CA MET E 157 -10.90 30.29 23.60
C MET E 157 -10.55 31.25 22.46
N VAL E 158 -11.20 31.15 21.31
CA VAL E 158 -11.02 32.16 20.28
C VAL E 158 -12.23 33.09 20.31
N LEU E 159 -12.81 33.26 21.50
CA LEU E 159 -13.77 34.31 21.83
C LEU E 159 -15.07 34.17 21.04
N MET E 160 -15.49 32.94 20.82
CA MET E 160 -16.78 32.66 20.20
C MET E 160 -17.55 31.77 21.16
N ARG E 161 -18.70 32.24 21.61
CA ARG E 161 -19.55 31.43 22.43
C ARG E 161 -20.50 30.71 21.47
N VAL E 162 -20.39 29.38 21.41
CA VAL E 162 -21.14 28.59 20.45
C VAL E 162 -21.93 27.51 21.18
N GLU E 163 -22.98 27.06 20.51
CA GLU E 163 -23.72 25.86 20.91
C GLU E 163 -23.48 24.79 19.86
N CYS E 164 -23.26 23.57 20.34
CA CYS E 164 -22.80 22.47 19.50
C CYS E 164 -23.46 21.18 19.95
N GLU E 165 -24.26 20.56 19.09
CA GLU E 165 -25.00 19.36 19.47
C GLU E 165 -25.01 18.32 18.34
N TYR E 166 -25.08 17.06 18.75
CA TYR E 166 -25.22 15.96 17.80
C TYR E 166 -26.62 15.94 17.23
N LYS E 167 -26.72 15.69 15.93
CA LYS E 167 -28.00 15.53 15.29
C LYS E 167 -28.21 14.14 14.72
N LYS E 168 -27.15 13.49 14.26
CA LYS E 168 -27.21 12.16 13.67
C LYS E 168 -26.00 11.35 14.11
N CYS E 169 -26.23 10.07 14.41
CA CYS E 169 -25.13 9.17 14.77
C CYS E 169 -25.49 7.76 14.26
N PRO E 170 -24.59 7.10 13.54
CA PRO E 170 -24.90 5.76 13.02
C PRO E 170 -25.21 4.72 14.08
N LEU E 171 -24.70 4.86 15.31
CA LEU E 171 -25.04 3.90 16.36
C LEU E 171 -26.53 3.90 16.71
N LEU E 172 -27.25 4.97 16.34
CA LEU E 172 -28.70 5.07 16.55
C LEU E 172 -29.50 4.79 15.29
N GLY E 173 -28.88 4.21 14.26
CA GLY E 173 -29.56 3.87 13.03
C GLY E 173 -29.53 4.93 11.95
N ASP E 174 -28.80 6.02 12.14
CA ASP E 174 -28.69 7.05 11.12
C ASP E 174 -27.64 6.67 10.06
N ASP E 175 -27.76 7.26 8.86
CA ASP E 175 -26.83 6.90 7.79
C ASP E 175 -25.42 7.49 8.00
N GLN E 176 -25.29 8.59 8.74
CA GLN E 176 -23.97 9.18 8.95
C GLN E 176 -24.02 10.01 10.23
N SER E 177 -22.87 10.56 10.61
CA SER E 177 -22.81 11.49 11.73
C SER E 177 -23.01 12.93 11.25
N GLU E 178 -23.76 13.69 12.04
CA GLU E 178 -23.91 15.12 11.78
C GLU E 178 -23.86 15.84 13.11
N ILE E 179 -22.98 16.84 13.18
CA ILE E 179 -22.82 17.71 14.34
C ILE E 179 -23.16 19.13 13.92
N ARG E 180 -24.05 19.76 14.67
CA ARG E 180 -24.53 21.11 14.39
C ARG E 180 -23.75 22.10 15.24
N VAL E 181 -23.30 23.19 14.61
CA VAL E 181 -22.53 24.23 15.29
C VAL E 181 -23.24 25.56 15.05
N ARG E 182 -23.63 26.24 16.13
CA ARG E 182 -24.41 27.46 16.04
C ARG E 182 -23.72 28.58 16.80
N LEU E 183 -23.49 29.71 16.13
CA LEU E 183 -22.84 30.85 16.78
C LEU E 183 -23.86 31.59 17.62
N LYS E 184 -23.53 31.79 18.89
CA LYS E 184 -24.41 32.55 19.77
C LYS E 184 -23.94 34.00 19.94
N GLU E 185 -22.65 34.22 20.19
CA GLU E 185 -22.17 35.58 20.29
C GLU E 185 -20.64 35.58 20.22
N TYR E 186 -20.09 36.64 19.65
CA TYR E 186 -18.66 36.86 19.75
C TYR E 186 -18.36 37.46 21.12
N LEU E 187 -17.40 36.86 21.82
CA LEU E 187 -17.13 37.29 23.19
C LEU E 187 -16.15 38.44 23.21
N ARG E 188 -16.16 39.15 24.33
CA ARG E 188 -15.23 40.25 24.58
C ARG E 188 -14.40 39.91 25.79
N GLU E 189 -13.10 40.17 25.68
CA GLU E 189 -12.14 39.93 26.76
C GLU E 189 -11.29 41.18 26.88
N THR E 190 -10.93 41.56 28.11
CA THR E 190 -10.13 42.75 28.35
C THR E 190 -8.66 42.38 28.41
N VAL E 191 -7.82 43.18 27.74
CA VAL E 191 -6.39 42.98 27.69
C VAL E 191 -5.75 43.86 28.77
N PRO E 192 -5.04 43.28 29.76
CA PRO E 192 -4.42 44.04 30.86
C PRO E 192 -3.35 45.02 30.40
N ASN F 21 6.93 5.05 12.32
CA ASN F 21 6.01 6.18 12.52
C ASN F 21 5.59 6.30 14.01
N LYS F 22 5.82 7.46 14.61
CA LYS F 22 5.50 7.68 16.02
C LYS F 22 4.42 8.75 16.17
N ILE F 23 3.61 8.62 17.23
CA ILE F 23 2.51 9.55 17.44
C ILE F 23 3.05 10.95 17.70
N GLU F 24 2.40 11.95 17.09
CA GLU F 24 2.75 13.34 17.29
C GLU F 24 2.31 13.82 18.67
N LYS F 25 3.01 14.84 19.16
CA LYS F 25 2.82 15.31 20.53
C LYS F 25 1.36 15.69 20.79
N ILE F 26 0.71 16.35 19.85
CA ILE F 26 -0.66 16.81 20.06
C ILE F 26 -1.65 15.65 20.15
N ASN F 27 -1.36 14.52 19.48
CA ASN F 27 -2.24 13.36 19.67
C ASN F 27 -1.97 12.66 21.00
N SER F 28 -0.71 12.61 21.45
CA SER F 28 -0.45 12.07 22.80
C SER F 28 -1.07 12.97 23.87
N GLU F 29 -1.15 14.28 23.63
CA GLU F 29 -1.89 15.12 24.56
C GLU F 29 -3.38 14.80 24.56
N LEU F 30 -3.97 14.57 23.38
CA LEU F 30 -5.39 14.22 23.31
C LEU F 30 -5.67 12.91 24.04
N LEU F 31 -4.81 11.91 23.86
CA LEU F 31 -4.94 10.66 24.58
C LEU F 31 -4.77 10.87 26.09
N ALA F 32 -3.78 11.67 26.46
CA ALA F 32 -3.50 11.94 27.88
C ALA F 32 -4.70 12.58 28.57
N MET F 33 -5.38 13.49 27.90
CA MET F 33 -6.56 14.11 28.48
C MET F 33 -7.74 13.15 28.51
N THR F 34 -7.89 12.31 27.49
CA THR F 34 -8.95 11.31 27.49
C THR F 34 -8.76 10.33 28.65
N TYR F 35 -7.56 9.76 28.76
CA TYR F 35 -7.21 8.88 29.88
C TYR F 35 -7.37 9.59 31.21
N GLY F 36 -6.98 10.88 31.28
CA GLY F 36 -7.18 11.63 32.52
C GLY F 36 -8.64 11.68 32.92
N SER F 37 -9.55 11.78 31.94
CA SER F 37 -10.97 11.74 32.25
C SER F 37 -11.39 10.38 32.81
N LEU F 38 -10.83 9.28 32.29
CA LEU F 38 -11.16 7.96 32.83
C LEU F 38 -10.71 7.83 34.28
N VAL F 39 -9.45 8.21 34.57
CA VAL F 39 -8.94 8.07 35.94
C VAL F 39 -9.77 8.90 36.90
N THR F 40 -10.15 10.11 36.48
CA THR F 40 -11.03 10.96 37.29
C THR F 40 -12.36 10.26 37.55
N GLN F 41 -12.93 9.62 36.53
CA GLN F 41 -14.18 8.90 36.73
C GLN F 41 -14.01 7.77 37.75
N MET F 42 -12.88 7.05 37.68
CA MET F 42 -12.65 5.96 38.62
C MET F 42 -12.49 6.49 40.04
N LEU F 43 -11.87 7.66 40.19
CA LEU F 43 -11.75 8.23 41.53
C LEU F 43 -13.13 8.60 42.08
N LYS F 44 -14.10 8.88 41.20
CA LYS F 44 -15.47 9.09 41.68
C LYS F 44 -16.13 7.77 42.10
N ASP F 45 -15.94 6.70 41.33
CA ASP F 45 -16.70 5.47 41.54
C ASP F 45 -16.09 4.50 42.54
N TYR F 46 -14.85 4.72 42.97
CA TYR F 46 -14.17 3.81 43.86
C TYR F 46 -13.68 4.58 45.07
N GLU F 47 -13.60 3.89 46.21
CA GLU F 47 -13.00 4.49 47.38
C GLU F 47 -11.67 3.86 47.72
N ASP F 48 -11.37 2.70 47.13
CA ASP F 48 -10.16 1.96 47.44
C ASP F 48 -9.20 2.09 46.26
N VAL F 49 -8.12 2.84 46.50
CA VAL F 49 -7.11 3.11 45.48
C VAL F 49 -6.52 1.80 44.94
N ALA F 50 -6.35 0.79 45.81
CA ALA F 50 -5.87 -0.50 45.33
C ALA F 50 -6.82 -1.07 44.29
N ALA F 51 -8.13 -0.93 44.51
CA ALA F 51 -9.10 -1.39 43.53
C ALA F 51 -8.98 -0.60 42.23
N ILE F 52 -8.75 0.70 42.33
CA ILE F 52 -8.59 1.49 41.11
C ILE F 52 -7.41 0.98 40.30
N ASN F 53 -6.25 0.78 40.97
CA ASN F 53 -5.07 0.21 40.31
C ASN F 53 -5.41 -1.09 39.57
N THR F 54 -6.05 -2.04 40.27
CA THR F 54 -6.41 -3.33 39.69
C THR F 54 -7.33 -3.18 38.48
N GLN F 55 -8.36 -2.34 38.60
CA GLN F 55 -9.32 -2.18 37.51
C GLN F 55 -8.73 -1.44 36.33
N LEU F 56 -7.81 -0.50 36.57
CA LEU F 56 -7.12 0.12 35.45
C LEU F 56 -6.28 -0.90 34.68
N GLU F 57 -5.62 -1.81 35.40
CA GLU F 57 -4.86 -2.85 34.71
C GLU F 57 -5.77 -3.78 33.91
N LYS F 58 -6.92 -4.15 34.49
CA LYS F 58 -7.86 -4.99 33.74
C LYS F 58 -8.43 -4.26 32.52
N MET F 59 -8.62 -2.95 32.59
CA MET F 59 -8.99 -2.23 31.38
C MET F 59 -7.90 -2.30 30.32
N GLY F 60 -6.64 -2.09 30.71
CA GLY F 60 -5.56 -2.20 29.74
C GLY F 60 -5.44 -3.60 29.19
N TYR F 61 -5.66 -4.60 30.05
CA TYR F 61 -5.64 -5.99 29.64
C TYR F 61 -6.56 -6.24 28.46
N LYS F 62 -7.81 -5.74 28.52
CA LYS F 62 -8.73 -5.91 27.40
C LYS F 62 -8.20 -5.20 26.15
N MET F 63 -7.62 -4.02 26.32
CA MET F 63 -7.09 -3.29 25.18
C MET F 63 -5.94 -4.02 24.52
N GLY F 64 -5.07 -4.64 25.33
CA GLY F 64 -3.88 -5.26 24.77
C GLY F 64 -4.19 -6.46 23.91
N MET F 65 -5.21 -7.22 24.29
CA MET F 65 -5.60 -8.38 23.50
C MET F 65 -6.11 -7.97 22.11
N ARG F 66 -6.77 -6.83 22.01
CA ARG F 66 -7.31 -6.37 20.73
C ARG F 66 -6.30 -5.65 19.86
N LEU F 67 -5.26 -5.11 20.48
CA LEU F 67 -4.30 -4.26 19.83
C LEU F 67 -3.16 -5.02 19.17
N ILE F 68 -2.85 -6.23 19.66
CA ILE F 68 -1.58 -6.87 19.32
C ILE F 68 -1.44 -7.10 17.82
N ASP F 69 -2.51 -7.53 17.15
CA ASP F 69 -2.40 -7.87 15.73
C ASP F 69 -2.17 -6.64 14.89
N GLU F 70 -2.92 -5.57 15.14
CA GLU F 70 -2.69 -4.33 14.39
C GLU F 70 -1.29 -3.80 14.64
N PHE F 71 -0.77 -3.95 15.86
CA PHE F 71 0.59 -3.50 16.16
C PHE F 71 1.62 -4.27 15.35
N MET F 72 1.47 -5.59 15.27
CA MET F 72 2.42 -6.39 14.48
C MET F 72 2.40 -5.95 13.02
N SER F 73 1.22 -5.70 12.47
CA SER F 73 1.12 -5.31 11.07
C SER F 73 1.60 -3.87 10.86
N LYS F 74 1.12 -2.94 11.70
CA LYS F 74 1.43 -1.52 11.50
C LYS F 74 2.82 -1.12 11.96
N SER F 75 3.54 -1.98 12.70
CA SER F 75 4.85 -1.60 13.18
C SER F 75 5.98 -1.90 12.21
N GLY F 76 5.75 -2.78 11.24
CA GLY F 76 6.86 -3.20 10.42
C GLY F 76 7.80 -4.16 11.11
N LEU F 77 7.37 -4.73 12.24
CA LEU F 77 8.19 -5.72 12.95
C LEU F 77 8.00 -7.09 12.34
N SER F 78 9.05 -7.90 12.39
CA SER F 78 9.03 -9.23 11.80
C SER F 78 8.39 -10.23 12.75
N SER F 79 8.26 -11.47 12.28
CA SER F 79 7.78 -12.54 13.12
C SER F 79 8.74 -12.79 14.27
N GLY F 80 10.03 -12.63 14.02
CA GLY F 80 11.00 -12.85 15.07
C GLY F 80 11.06 -11.76 16.09
N ALA F 81 10.30 -10.67 15.90
CA ALA F 81 10.36 -9.57 16.86
C ALA F 81 9.69 -9.96 18.18
N CYS F 82 8.81 -10.96 18.17
CA CYS F 82 8.10 -11.47 19.35
C CYS F 82 8.13 -12.98 19.36
N ARG F 83 9.25 -13.59 18.93
CA ARG F 83 9.29 -15.05 18.86
C ARG F 83 9.35 -15.67 20.24
N GLU F 84 10.15 -15.08 21.10
CA GLU F 84 10.49 -15.54 22.43
C GLU F 84 10.12 -14.45 23.43
N PHE F 85 10.00 -14.82 24.69
CA PHE F 85 9.73 -13.80 25.70
C PHE F 85 10.82 -12.72 25.71
N LYS F 86 12.11 -13.11 25.69
CA LYS F 86 13.17 -12.11 25.77
C LYS F 86 13.09 -11.08 24.66
N ASP F 87 12.55 -11.46 23.49
CA ASP F 87 12.43 -10.54 22.36
C ASP F 87 11.37 -9.47 22.61
N THR F 88 10.44 -9.69 23.52
CA THR F 88 9.39 -8.71 23.75
C THR F 88 9.91 -7.41 24.34
N ALA F 89 11.07 -7.43 25.01
CA ALA F 89 11.57 -6.25 25.71
C ALA F 89 11.88 -5.10 24.76
N GLU F 90 12.73 -5.34 23.77
CA GLU F 90 13.08 -4.30 22.81
C GLU F 90 11.87 -3.88 21.96
N SER F 91 11.03 -4.83 21.58
CA SER F 91 9.85 -4.50 20.79
C SER F 91 8.92 -3.57 21.56
N ILE F 92 8.74 -3.80 22.86
CA ILE F 92 7.87 -2.94 23.66
C ILE F 92 8.55 -1.61 23.99
N ALA F 93 9.79 -1.66 24.49
CA ALA F 93 10.44 -0.41 24.91
C ALA F 93 10.75 0.49 23.71
N LYS F 94 11.22 -0.08 22.61
CA LYS F 94 11.74 0.71 21.49
C LYS F 94 10.73 0.96 20.39
N VAL F 95 9.71 0.12 20.23
CA VAL F 95 8.72 0.30 19.19
C VAL F 95 7.37 0.70 19.77
N ALA F 96 6.79 -0.16 20.62
CA ALA F 96 5.45 0.10 21.14
C ALA F 96 5.39 1.42 21.89
N PHE F 97 6.34 1.63 22.80
CA PHE F 97 6.37 2.87 23.58
C PHE F 97 6.54 4.09 22.70
N LYS F 98 7.32 3.96 21.62
CA LYS F 98 7.47 5.07 20.69
C LYS F 98 6.21 5.27 19.87
N MET F 99 5.61 4.16 19.41
CA MET F 99 4.47 4.25 18.51
C MET F 99 3.23 4.77 19.23
N PHE F 100 3.00 4.35 20.47
CA PHE F 100 1.75 4.69 21.16
C PHE F 100 1.84 5.92 22.06
N LEU F 101 2.99 6.16 22.69
CA LEU F 101 3.11 7.25 23.63
C LEU F 101 4.18 8.27 23.25
N GLY F 102 4.89 8.04 22.15
CA GLY F 102 5.99 8.91 21.79
C GLY F 102 7.14 8.87 22.77
N ILE F 103 7.23 7.82 23.57
CA ILE F 103 8.20 7.75 24.66
C ILE F 103 9.42 6.98 24.20
N ASN F 104 10.59 7.44 24.63
CA ASN F 104 11.82 6.67 24.57
C ASN F 104 11.93 5.88 25.88
N ALA F 105 12.01 4.58 25.77
CA ALA F 105 12.10 3.73 26.93
C ALA F 105 13.32 2.85 26.76
N ASN F 106 13.78 2.31 27.87
CA ASN F 106 14.92 1.41 27.81
C ASN F 106 14.63 0.20 28.66
N VAL F 107 15.34 -0.89 28.35
CA VAL F 107 15.21 -2.15 29.05
C VAL F 107 16.40 -2.28 29.98
N THR F 108 16.13 -2.62 31.24
CA THR F 108 17.20 -2.81 32.21
C THR F 108 16.78 -3.92 33.17
N ASN F 109 17.73 -4.30 34.01
CA ASN F 109 17.51 -5.27 35.10
C ASN F 109 16.99 -6.61 34.59
N TRP F 110 17.67 -7.14 33.58
CA TRP F 110 17.39 -8.50 33.14
C TRP F 110 17.68 -9.47 34.28
N SER F 111 16.83 -10.46 34.42
CA SER F 111 17.14 -11.54 35.33
C SER F 111 18.13 -12.48 34.64
N LYS F 112 18.80 -13.30 35.45
CA LYS F 112 19.79 -14.22 34.88
C LYS F 112 19.15 -15.13 33.82
N ASP F 113 17.97 -15.68 34.13
CA ASP F 113 17.31 -16.57 33.18
C ASP F 113 16.50 -15.81 32.12
N GLN F 114 16.58 -14.49 32.11
CA GLN F 114 15.92 -13.64 31.11
C GLN F 114 14.40 -13.87 31.09
N THR F 115 13.82 -14.24 32.23
CA THR F 115 12.37 -14.35 32.36
C THR F 115 11.74 -13.10 32.96
N GLU F 116 12.56 -12.11 33.34
CA GLU F 116 12.14 -10.86 33.93
C GLU F 116 12.98 -9.72 33.36
N TYR F 117 12.34 -8.58 33.12
CA TYR F 117 13.05 -7.36 32.78
C TYR F 117 12.21 -6.16 33.23
N SER F 118 12.85 -5.00 33.26
CA SER F 118 12.17 -3.76 33.60
C SER F 118 12.21 -2.84 32.39
N ILE F 119 11.17 -2.00 32.26
CA ILE F 119 11.13 -0.96 31.25
C ILE F 119 11.15 0.40 31.94
N VAL F 120 12.20 1.19 31.67
CA VAL F 120 12.37 2.49 32.30
C VAL F 120 12.17 3.59 31.26
N PHE F 121 11.62 4.71 31.71
CA PHE F 121 11.39 5.86 30.85
C PHE F 121 11.37 7.13 31.68
N ASP F 122 11.90 8.21 31.12
CA ASP F 122 11.98 9.45 31.88
C ASP F 122 10.76 10.33 31.71
N GLU F 123 10.05 10.20 30.60
CA GLU F 123 8.91 11.05 30.34
C GLU F 123 7.71 10.18 30.01
N ASN F 124 6.55 10.68 30.39
CA ASN F 124 5.30 9.96 30.18
C ASN F 124 4.24 11.01 29.94
N PRO F 125 3.74 11.12 28.70
CA PRO F 125 2.76 12.16 28.38
C PRO F 125 1.48 12.09 29.19
N LEU F 126 1.14 10.90 29.71
CA LEU F 126 -0.05 10.76 30.55
C LEU F 126 0.10 11.58 31.82
N ASN F 127 1.33 11.76 32.28
CA ASN F 127 1.59 12.49 33.51
C ASN F 127 1.59 14.00 33.32
N ASP F 128 1.62 14.48 32.07
CA ASP F 128 1.74 15.90 31.82
C ASP F 128 0.58 16.67 32.45
N PHE F 129 0.94 17.70 33.21
CA PHE F 129 0.02 18.61 33.89
C PHE F 129 -0.83 17.92 34.95
N VAL F 130 -0.45 16.71 35.38
CA VAL F 130 -1.19 15.97 36.40
C VAL F 130 -0.53 16.20 37.74
N GLU F 131 -1.33 16.50 38.75
CA GLU F 131 -0.85 16.68 40.11
C GLU F 131 -1.81 15.92 41.01
N LEU F 132 -1.28 14.92 41.69
CA LEU F 132 -2.09 14.07 42.55
C LEU F 132 -2.28 14.71 43.93
N PRO F 133 -3.51 14.70 44.46
CA PRO F 133 -3.72 15.17 45.83
C PRO F 133 -2.95 14.30 46.82
N GLU F 134 -2.58 14.92 47.94
CA GLU F 134 -1.76 14.24 48.94
C GLU F 134 -2.36 12.91 49.40
N PRO F 135 -3.68 12.78 49.67
CA PRO F 135 -4.19 11.45 50.04
C PRO F 135 -4.08 10.42 48.94
N ILE F 136 -4.26 10.82 47.68
CA ILE F 136 -4.15 9.87 46.58
C ILE F 136 -2.70 9.46 46.37
N LYS F 137 -1.76 10.42 46.45
CA LYS F 137 -0.34 10.11 46.32
C LYS F 137 0.12 9.21 47.45
N GLN F 138 -0.31 9.52 48.69
CA GLN F 138 0.06 8.71 49.84
C GLN F 138 -0.49 7.29 49.74
N LYS F 139 -1.67 7.13 49.14
CA LYS F 139 -2.25 5.81 48.95
C LYS F 139 -1.61 5.06 47.79
N ARG F 140 -0.61 5.65 47.13
CA ARG F 140 0.18 5.00 46.08
C ARG F 140 -0.71 4.56 44.91
N LEU F 141 -1.47 5.51 44.39
CA LEU F 141 -2.10 5.32 43.09
C LEU F 141 -1.04 5.22 42.01
N TYR F 142 -1.21 4.24 41.11
CA TYR F 142 -0.40 4.11 39.91
C TYR F 142 -1.24 4.64 38.75
N TYR F 143 -1.07 5.94 38.52
CA TYR F 143 -1.88 6.69 37.56
C TYR F 143 -1.95 6.01 36.19
N SER F 144 -0.81 5.50 35.72
CA SER F 144 -0.68 4.89 34.39
C SER F 144 -0.72 3.37 34.46
N ASN F 145 -1.40 2.79 35.46
CA ASN F 145 -1.37 1.34 35.62
C ASN F 145 -2.02 0.62 34.43
N ILE F 146 -2.85 1.32 33.66
CA ILE F 146 -3.41 0.78 32.43
C ILE F 146 -2.33 0.24 31.50
N ILE F 147 -1.12 0.84 31.55
CA ILE F 147 -0.03 0.38 30.69
C ILE F 147 0.35 -1.05 31.02
N CYS F 148 0.39 -1.40 32.30
CA CYS F 148 0.78 -2.76 32.67
C CYS F 148 -0.19 -3.76 32.08
N GLY F 149 -1.49 -3.43 32.06
CA GLY F 149 -2.49 -4.32 31.50
C GLY F 149 -2.38 -4.48 30.00
N VAL F 150 -2.12 -3.39 29.28
CA VAL F 150 -1.95 -3.50 27.83
C VAL F 150 -0.83 -4.49 27.52
N ILE F 151 0.24 -4.45 28.30
CA ILE F 151 1.34 -5.39 28.12
C ILE F 151 0.88 -6.81 28.41
N ARG F 152 0.20 -6.99 29.54
CA ARG F 152 -0.19 -8.34 29.91
C ARG F 152 -1.15 -8.94 28.87
N GLY F 153 -2.13 -8.17 28.40
CA GLY F 153 -3.09 -8.70 27.42
C GLY F 153 -2.50 -8.96 26.05
N ALA F 154 -1.62 -8.07 25.59
CA ALA F 154 -0.97 -8.29 24.29
C ALA F 154 -0.12 -9.56 24.32
N LEU F 155 0.66 -9.74 25.38
CA LEU F 155 1.55 -10.90 25.48
C LEU F 155 0.77 -12.20 25.65
N GLU F 156 -0.41 -12.13 26.27
CA GLU F 156 -1.22 -13.34 26.34
C GLU F 156 -1.62 -13.83 24.96
N MET F 157 -1.88 -12.90 24.02
CA MET F 157 -2.25 -13.29 22.66
C MET F 157 -1.10 -13.95 21.90
N VAL F 158 0.15 -13.70 22.30
CA VAL F 158 1.24 -14.49 21.75
C VAL F 158 1.58 -15.57 22.78
N LEU F 159 0.57 -15.99 23.54
CA LEU F 159 0.62 -17.22 24.33
C LEU F 159 1.68 -17.16 25.42
N MET F 160 1.82 -15.98 26.03
CA MET F 160 2.72 -15.78 27.15
C MET F 160 1.92 -15.21 28.31
N ARG F 161 1.90 -15.94 29.43
CA ARG F 161 1.25 -15.45 30.65
C ARG F 161 2.29 -14.67 31.44
N VAL F 162 2.08 -13.36 31.58
CA VAL F 162 3.06 -12.54 32.28
C VAL F 162 2.40 -11.79 33.42
N GLU F 163 3.23 -11.39 34.37
CA GLU F 163 2.86 -10.43 35.39
C GLU F 163 3.63 -9.15 35.12
N CYS F 164 2.94 -8.02 35.27
CA CYS F 164 3.50 -6.73 34.88
C CYS F 164 3.08 -5.70 35.92
N GLU F 165 4.04 -5.10 36.64
CA GLU F 165 3.68 -4.23 37.75
C GLU F 165 4.53 -2.96 37.78
N TYR F 166 3.91 -1.87 38.25
CA TYR F 166 4.63 -0.63 38.40
C TYR F 166 5.53 -0.68 39.62
N LYS F 167 6.74 -0.19 39.46
CA LYS F 167 7.69 -0.08 40.55
C LYS F 167 8.05 1.36 40.86
N LYS F 168 8.13 2.23 39.84
CA LYS F 168 8.51 3.61 40.07
C LYS F 168 7.68 4.54 39.18
N CYS F 169 7.27 5.68 39.75
CA CYS F 169 6.51 6.67 39.03
C CYS F 169 6.85 8.04 39.59
N PRO F 170 7.22 9.01 38.75
CA PRO F 170 7.57 10.34 39.29
C PRO F 170 6.42 11.02 40.01
N LEU F 171 5.18 10.69 39.68
CA LEU F 171 4.07 11.29 40.43
C LEU F 171 4.11 10.92 41.89
N LEU F 172 4.77 9.82 42.24
CA LEU F 172 4.93 9.40 43.63
C LEU F 172 6.29 9.81 44.19
N GLY F 173 7.02 10.69 43.50
CA GLY F 173 8.30 11.21 43.95
C GLY F 173 9.53 10.46 43.48
N ASP F 174 9.40 9.50 42.57
CA ASP F 174 10.52 8.72 42.05
C ASP F 174 11.25 9.51 40.96
N ASP F 175 12.49 9.11 40.68
CA ASP F 175 13.26 9.85 39.66
C ASP F 175 12.79 9.51 38.24
N GLN F 176 12.21 8.35 38.01
CA GLN F 176 11.73 8.01 36.68
C GLN F 176 10.63 6.95 36.79
N SER F 177 10.04 6.60 35.67
CA SER F 177 9.08 5.52 35.64
C SER F 177 9.79 4.19 35.42
N GLU F 178 9.32 3.16 36.12
CA GLU F 178 9.83 1.81 35.92
C GLU F 178 8.66 0.83 35.98
N ILE F 179 8.54 -0.03 34.97
CA ILE F 179 7.53 -1.08 34.92
C ILE F 179 8.26 -2.43 34.85
N ARG F 180 7.86 -3.36 35.73
CA ARG F 180 8.47 -4.68 35.80
C ARG F 180 7.63 -5.70 35.02
N VAL F 181 8.30 -6.53 34.23
CA VAL F 181 7.64 -7.55 33.40
C VAL F 181 8.22 -8.92 33.72
N ARG F 182 7.36 -9.87 34.14
CA ARG F 182 7.82 -11.21 34.53
C ARG F 182 7.04 -12.30 33.81
N LEU F 183 7.78 -13.20 33.16
CA LEU F 183 7.15 -14.32 32.47
C LEU F 183 6.80 -15.41 33.48
N LYS F 184 5.53 -15.82 33.49
CA LYS F 184 5.03 -16.86 34.39
C LYS F 184 4.96 -18.23 33.72
N GLU F 185 4.45 -18.30 32.50
CA GLU F 185 4.42 -19.55 31.76
C GLU F 185 4.05 -19.29 30.31
N TYR F 186 4.60 -20.12 29.42
CA TYR F 186 4.13 -20.16 28.04
C TYR F 186 2.85 -20.99 28.04
N LEU F 187 1.81 -20.50 27.39
CA LEU F 187 0.51 -21.15 27.45
C LEU F 187 0.44 -22.22 26.36
N ARG F 188 0.29 -23.48 26.76
CA ARG F 188 0.13 -24.58 25.82
C ARG F 188 -1.04 -25.45 26.26
N GLU F 189 -1.90 -25.80 25.32
CA GLU F 189 -3.08 -26.62 25.59
C GLU F 189 -2.81 -28.10 25.32
C1 PLM G . 17.11 16.21 -8.44
O2 PLM G . 17.78 15.54 -9.27
C2 PLM G . 15.56 16.43 -8.81
C3 PLM G . 14.84 15.39 -9.77
C4 PLM G . 13.74 16.04 -10.71
C5 PLM G . 12.34 15.34 -10.83
C6 PLM G . 11.70 15.42 -12.27
C7 PLM G . 10.25 14.89 -12.42
C8 PLM G . 9.79 14.69 -13.92
C9 PLM G . 9.21 13.30 -14.24
CA PLM G . 8.30 13.21 -15.49
CB PLM G . 6.80 13.48 -15.19
CC PLM G . 5.92 13.71 -16.44
CD PLM G . 4.44 13.99 -16.09
CE PLM G . 3.57 14.26 -17.31
CF PLM G . 2.11 14.61 -16.99
CG PLM G . 1.18 14.52 -18.21
C1 EDO H . -4.15 24.42 -10.69
O1 EDO H . -3.46 24.32 -11.94
C2 EDO H . -4.45 23.03 -10.14
O2 EDO H . -3.46 22.69 -9.16
C1 EDO I . 27.62 17.22 -14.74
O1 EDO I . 27.72 16.69 -13.41
C2 EDO I . 28.79 18.15 -15.07
O2 EDO I . 28.74 19.33 -14.27
C1 PLM J . 3.73 -21.81 11.19
O2 PLM J . 4.30 -22.73 11.81
C2 PLM J . 4.10 -21.68 9.63
C3 PLM J . 4.15 -22.95 8.75
C4 PLM J . 5.51 -23.19 8.05
C5 PLM J . 5.51 -23.10 6.50
C6 PLM J . 6.25 -24.31 5.84
C7 PLM J . 5.97 -24.54 4.34
C8 PLM J . 6.14 -26.00 3.90
C9 PLM J . 5.10 -26.45 2.84
CA PLM J . 5.69 -27.02 1.53
CB PLM J . 6.60 -26.07 0.72
CC PLM J . 7.15 -26.71 -0.55
CD PLM J . 8.47 -26.15 -1.05
CE PLM J . 9.19 -27.08 -2.04
CF PLM J . 10.40 -26.47 -2.72
CG PLM J . 10.69 -27.00 -4.14
C1 EDO K . 20.08 -17.63 -3.28
O1 EDO K . 19.52 -18.53 -2.30
C2 EDO K . 18.95 -16.79 -3.87
O2 EDO K . 18.23 -16.19 -2.79
C1 EDO L . 0.26 -29.24 21.22
O1 EDO L . 0.21 -28.08 20.36
C2 EDO L . 1.36 -29.06 22.26
O2 EDO L . 1.27 -27.75 22.85
C1 EDO M . 9.81 -32.69 -13.79
O1 EDO M . 10.91 -31.95 -14.30
C2 EDO M . 8.76 -31.73 -13.24
O2 EDO M . 7.83 -31.38 -14.28
C1 PLM N . -24.11 1.57 -11.45
O2 PLM N . -25.11 2.32 -11.59
C2 PLM N . -22.64 2.14 -11.02
C3 PLM N . -22.42 3.67 -11.08
C4 PLM N . -21.38 4.12 -12.13
C5 PLM N . -20.13 4.85 -11.56
C6 PLM N . -19.51 5.87 -12.54
C7 PLM N . -18.21 6.56 -12.05
C8 PLM N . -18.23 8.10 -12.11
C9 PLM N . -16.85 8.75 -11.87
CA PLM N . -16.91 10.21 -11.31
CB PLM N . -15.51 10.87 -11.13
CC PLM N . -15.09 11.81 -12.29
CD PLM N . -13.57 11.98 -12.44
CE PLM N . -13.12 13.28 -13.15
CF PLM N . -11.68 13.20 -13.71
CG PLM N . -11.05 14.57 -14.03
C1 EDO O . -35.39 5.28 -9.02
O1 EDO O . -34.18 4.54 -9.16
C2 EDO O . -35.82 5.90 -10.34
O2 EDO O . -36.00 4.86 -11.32
C1 PLM P . 6.42 -15.64 -28.54
O2 PLM P . 7.20 -15.02 -29.31
C2 PLM P . 7.16 -16.58 -27.41
C3 PLM P . 7.28 -16.15 -25.90
C4 PLM P . 8.56 -16.76 -25.19
C5 PLM P . 8.54 -16.86 -23.62
C6 PLM P . 9.97 -17.15 -22.98
C7 PLM P . 10.06 -17.03 -21.41
C8 PLM P . 11.49 -16.92 -20.83
C9 PLM P . 11.64 -15.91 -19.67
CA PLM P . 12.53 -16.37 -18.46
CB PLM P . 11.79 -17.21 -17.39
CC PLM P . 12.63 -17.54 -16.14
CD PLM P . 13.33 -18.91 -16.17
CE PLM P . 14.35 -19.15 -15.02
CF PLM P . 13.84 -20.03 -13.88
CG PLM P . 14.95 -20.47 -12.87
C1 EDO Q . 12.68 -9.37 -37.41
O1 EDO Q . 11.29 -9.12 -37.23
C2 EDO Q . 12.95 -9.89 -38.82
O2 EDO Q . 12.01 -10.91 -39.18
C1 PLM R . -10.26 27.46 14.89
O2 PLM R . -11.35 27.20 14.32
C2 PLM R . -9.59 26.18 15.57
C3 PLM R . -10.50 24.97 15.87
C4 PLM R . -10.09 24.22 17.16
C5 PLM R . -10.06 22.67 17.08
C6 PLM R . -11.38 21.92 17.46
C7 PLM R . -11.21 20.41 17.76
C8 PLM R . -12.44 19.51 17.45
C9 PLM R . -12.05 18.12 16.86
CA PLM R . -12.60 16.89 17.63
CB PLM R . -11.69 16.41 18.78
CC PLM R . -11.73 14.89 19.04
CD PLM R . -12.01 14.52 20.51
CE PLM R . -12.15 13.02 20.75
CF PLM R . -11.84 12.59 22.19
CG PLM R . -11.66 11.07 22.32
C1 EDO S . -20.41 34.43 10.34
O1 EDO S . -18.98 34.54 10.50
C2 EDO S . -21.08 35.62 11.01
O2 EDO S . -20.36 35.92 12.20
C1 EDO T . -14.21 0.51 21.93
O1 EDO T . -13.09 -0.35 22.24
C2 EDO T . -13.87 1.48 20.79
O2 EDO T . -13.24 0.80 19.70
C1 EDO U . -3.70 14.89 31.89
O1 EDO U . -4.94 15.58 32.06
C2 EDO U . -3.10 15.14 30.50
O2 EDO U . -2.84 16.52 30.24
C1 PLM V . 5.55 -8.40 21.07
O2 PLM V . 5.21 -9.05 22.10
C2 PLM V . 4.79 -7.00 20.91
C3 PLM V . 4.28 -6.39 22.22
C4 PLM V . 2.91 -5.65 22.14
C5 PLM V . 2.96 -4.11 22.43
C6 PLM V . 2.70 -3.72 23.89
C7 PLM V . 2.16 -2.29 24.09
C8 PLM V . 2.53 -1.68 25.48
C9 PLM V . 3.05 -0.23 25.43
CA PLM V . 2.19 0.81 26.20
CB PLM V . 0.81 1.11 25.56
CC PLM V . 0.18 2.41 26.03
CD PLM V . -1.21 2.26 26.67
CE PLM V . -2.04 3.57 26.61
CF PLM V . -3.19 3.63 27.64
CG PLM V . -3.91 5.02 27.73
C1 EDO W . 12.85 -15.72 27.75
O1 EDO W . 13.14 -15.88 26.37
C2 EDO W . 12.84 -17.07 28.44
O2 EDO W . 12.26 -18.04 27.56
#